data_6PSO
#
_entry.id   6PSO
#
_cell.length_a   65.264
_cell.length_b   93.995
_cell.length_c   170.547
_cell.angle_alpha   90.000
_cell.angle_beta   90.000
_cell.angle_gamma   90.000
#
_symmetry.space_group_name_H-M   'P 21 21 21'
#
loop_
_entity.id
_entity.type
_entity.pdbx_description
1 polymer 'exo-4S-kappa carrageenan S1 sulfatase'
2 branched 3,6-anhydro-2-O-sulfo-alpha-D-galactopyranose-(1-3)-4-O-sulfo-beta-D-galactopyranose-(1-4)-3,6-anhydro-2-O-sulfo-alpha-D-galactopyranose-(1-3)-4-O-sulfo-beta-D-galactopyranose
3 non-polymer 'CALCIUM ION'
4 non-polymer 'CHLORIDE ION'
5 water water
#
_entity_poly.entity_id   1
_entity_poly.type   'polypeptide(L)'
_entity_poly.pdbx_seq_one_letter_code
;MGSSHHHHHHSSGLVPRGSHMASKPNIVLIFADDAGFGDFGFQGSTQLKTPNLDKLAQSGVRFTQGYVSDSTSGPSRAGL
MTGKYQQRFGYEEINVPGFMSGNSALKGADMGLPLDQKTMGDYLKEQGYKTAVFGKWHLGDADRFHPLKRGFDTFLGFRG
GDRSYFNYSEQEMKNGNKHFFDKKLERDFGNYEEPKEYLTDVLGKEAAKYIEQNKDEPFFIYLAFNAVHTPLESDPKDLA
KFPNLTGKRKELAAMTLGLDRASGYVLDKLKELGLDDNTIVVFSNDNGGPSDKNASNNAPLAGTKSNQLEGGIRVPFLIS
WPKHIKPGSTYDYPVSTLDLLPTFYSAAKGKALGSDIDGVDLLPYIQGENTARPHKVMYWKKENRAVIRDNDWKLIRYPD
RPAELYDLSSDISEQTDLAAKNPERVKTMFKSLFEWELTLERPRWLLKRKYEKYDIDRMDKYRLPATQP
;
_entity_poly.pdbx_strand_id   B,A
#
# COMPACT_ATOMS: atom_id res chain seq x y z
N SER A 23 -42.61 19.02 -7.33
CA SER A 23 -42.87 17.57 -7.61
C SER A 23 -41.54 16.80 -7.71
N LYS A 24 -41.42 15.69 -6.98
CA LYS A 24 -40.20 14.84 -6.97
C LYS A 24 -40.00 14.24 -8.35
N PRO A 25 -38.87 14.53 -9.03
CA PRO A 25 -38.63 14.00 -10.36
C PRO A 25 -38.22 12.53 -10.30
N ASN A 26 -38.60 11.76 -11.32
CA ASN A 26 -38.00 10.43 -11.54
C ASN A 26 -36.53 10.62 -11.89
N ILE A 27 -35.71 9.61 -11.62
CA ILE A 27 -34.25 9.66 -11.91
C ILE A 27 -33.86 8.36 -12.59
N VAL A 28 -33.23 8.48 -13.75
CA VAL A 28 -32.73 7.32 -14.54
C VAL A 28 -31.24 7.57 -14.76
N LEU A 29 -30.42 6.71 -14.15
CA LEU A 29 -28.95 6.74 -14.30
C LEU A 29 -28.55 5.59 -15.21
N ILE A 30 -28.18 5.90 -16.45
CA ILE A 30 -27.65 4.93 -17.43
C ILE A 30 -26.13 4.99 -17.30
N PHE A 31 -25.54 3.88 -16.90
CA PHE A 31 -24.10 3.79 -16.55
C PHE A 31 -23.49 2.65 -17.36
N ALA A 32 -22.80 3.01 -18.43
CA ALA A 32 -22.14 2.06 -19.33
C ALA A 32 -20.87 1.55 -18.67
N ASP A 33 -20.23 0.57 -19.30
CA ASP A 33 -19.02 -0.12 -18.80
C ASP A 33 -17.96 -0.08 -19.92
N ASP A 34 -16.81 0.53 -19.66
CA ASP A 34 -15.58 0.37 -20.49
C ASP A 34 -15.72 1.02 -21.87
N ALA A 35 -16.61 2.00 -22.01
CA ALA A 35 -16.80 2.75 -23.27
C ALA A 35 -15.60 3.69 -23.47
N GLY A 36 -15.17 3.85 -24.72
CA GLY A 36 -14.15 4.85 -25.11
C GLY A 36 -14.71 6.25 -25.00
N PHE A 37 -13.90 7.20 -24.52
CA PHE A 37 -14.26 8.62 -24.37
C PHE A 37 -14.81 9.18 -25.69
N GLY A 38 -14.23 8.77 -26.81
CA GLY A 38 -14.54 9.31 -28.15
C GLY A 38 -15.63 8.52 -28.87
N ASP A 39 -16.16 7.46 -28.25
CA ASP A 39 -16.91 6.40 -28.98
C ASP A 39 -18.42 6.63 -28.89
N PHE A 40 -18.86 7.89 -28.99
CA PHE A 40 -20.28 8.32 -29.13
C PHE A 40 -20.33 9.48 -30.12
N GLY A 41 -21.44 9.60 -30.87
CA GLY A 41 -21.67 10.75 -31.77
C GLY A 41 -21.44 12.04 -31.03
N PHE A 42 -22.02 12.18 -29.84
CA PHE A 42 -21.99 13.44 -29.04
C PHE A 42 -20.57 13.72 -28.52
N GLN A 43 -19.66 12.73 -28.58
CA GLN A 43 -18.24 12.87 -28.16
C GLN A 43 -17.34 13.04 -29.39
N GLY A 44 -17.91 13.13 -30.59
CA GLY A 44 -17.14 13.41 -31.82
C GLY A 44 -16.91 12.18 -32.69
N SER A 45 -17.52 11.04 -32.40
CA SER A 45 -17.41 9.84 -33.27
C SER A 45 -18.21 10.08 -34.53
N THR A 46 -17.63 9.79 -35.69
CA THR A 46 -18.35 9.71 -36.99
C THR A 46 -18.33 8.25 -37.46
N GLN A 47 -17.57 7.38 -36.79
CA GLN A 47 -17.44 5.95 -37.19
C GLN A 47 -18.51 5.09 -36.50
N LEU A 48 -18.83 5.36 -35.23
CA LEU A 48 -19.82 4.55 -34.46
C LEU A 48 -21.19 5.24 -34.52
N LYS A 49 -22.26 4.52 -34.20
CA LYS A 49 -23.65 5.02 -34.33
C LYS A 49 -24.27 5.02 -32.94
N THR A 50 -24.58 6.20 -32.39
CA THR A 50 -25.33 6.35 -31.11
C THR A 50 -26.44 7.38 -31.25
N PRO A 51 -27.45 7.16 -32.12
CA PRO A 51 -28.48 8.16 -32.37
C PRO A 51 -29.33 8.51 -31.13
N ASN A 52 -29.72 7.51 -30.36
CA ASN A 52 -30.57 7.72 -29.15
C ASN A 52 -29.81 8.56 -28.12
N LEU A 53 -28.55 8.22 -27.83
CA LEU A 53 -27.75 8.94 -26.82
C LEU A 53 -27.33 10.31 -27.37
N ASP A 54 -27.14 10.46 -28.69
CA ASP A 54 -26.88 11.78 -29.32
C ASP A 54 -28.09 12.70 -29.04
N LYS A 55 -29.32 12.19 -29.19
CA LYS A 55 -30.54 13.00 -28.92
C LYS A 55 -30.61 13.34 -27.42
N LEU A 56 -30.23 12.40 -26.54
CA LEU A 56 -30.18 12.66 -25.09
C LEU A 56 -29.23 13.85 -24.83
N ALA A 57 -28.05 13.82 -25.43
CA ALA A 57 -27.06 14.92 -25.31
C ALA A 57 -27.70 16.25 -25.72
N GLN A 58 -28.35 16.29 -26.89
CA GLN A 58 -29.00 17.51 -27.46
C GLN A 58 -30.11 17.99 -26.52
N SER A 59 -30.77 17.08 -25.79
CA SER A 59 -31.91 17.39 -24.90
C SER A 59 -31.46 18.09 -23.63
N GLY A 60 -30.17 18.06 -23.29
CA GLY A 60 -29.69 18.53 -21.99
C GLY A 60 -28.30 19.13 -22.05
N VAL A 61 -27.54 18.95 -20.97
CA VAL A 61 -26.16 19.51 -20.84
C VAL A 61 -25.15 18.37 -21.05
N ARG A 62 -24.12 18.64 -21.83
CA ARG A 62 -22.98 17.71 -22.05
C ARG A 62 -21.80 18.24 -21.25
N PHE A 63 -21.19 17.39 -20.42
CA PHE A 63 -20.00 17.75 -19.61
C PHE A 63 -18.74 17.37 -20.41
N THR A 64 -17.85 18.34 -20.64
CA THR A 64 -16.61 18.11 -21.42
C THR A 64 -15.51 17.57 -20.50
N GLN A 65 -15.69 17.70 -19.19
CA GLN A 65 -14.70 17.29 -18.16
C GLN A 65 -15.42 16.60 -17.00
N GLY A 66 -16.12 15.50 -17.31
CA GLY A 66 -16.76 14.61 -16.33
C GLY A 66 -15.84 13.46 -15.98
N TYR A 67 -15.71 13.15 -14.69
CA TYR A 67 -14.77 12.15 -14.16
C TYR A 67 -15.52 11.12 -13.31
N VAL A 68 -14.99 9.91 -13.33
CA VAL A 68 -15.28 8.83 -12.35
C VAL A 68 -14.28 9.00 -11.21
N SER A 69 -14.50 8.30 -10.09
CA SER A 69 -13.69 8.43 -8.86
C SER A 69 -12.49 7.46 -8.90
N ASP A 70 -12.47 6.56 -9.88
CA ASP A 70 -11.35 5.61 -10.10
C ASP A 70 -11.42 5.10 -11.55
N SER A 71 -10.28 4.65 -12.07
CA SER A 71 -10.11 4.14 -13.46
C SER A 71 -10.44 2.65 -13.56
N THR A 72 -10.99 2.04 -12.50
CA THR A 72 -11.50 0.64 -12.53
C THR A 72 -12.89 0.55 -11.87
N SER A 73 -13.57 -0.56 -12.16
CA SER A 73 -15.03 -0.78 -12.01
C SER A 73 -15.49 -0.69 -10.55
N GLY A 74 -14.98 -1.57 -9.68
CA GLY A 74 -15.46 -1.65 -8.28
C GLY A 74 -15.34 -0.32 -7.57
N PRO A 75 -14.12 0.26 -7.47
CA PRO A 75 -13.93 1.54 -6.77
C PRO A 75 -14.75 2.67 -7.38
N SER A 76 -14.84 2.75 -8.72
CA SER A 76 -15.66 3.76 -9.42
C SER A 76 -17.12 3.68 -8.92
N ARG A 77 -17.68 2.47 -8.89
CA ARG A 77 -19.08 2.20 -8.50
C ARG A 77 -19.26 2.51 -7.01
N ALA A 78 -18.27 2.19 -6.16
CA ALA A 78 -18.33 2.50 -4.71
C ALA A 78 -18.45 4.02 -4.51
N GLY A 79 -17.64 4.82 -5.22
CA GLY A 79 -17.75 6.29 -5.22
C GLY A 79 -19.12 6.75 -5.69
N LEU A 80 -19.56 6.26 -6.85
CA LEU A 80 -20.87 6.61 -7.45
C LEU A 80 -21.97 6.34 -6.43
N MET A 81 -21.97 5.16 -5.82
CA MET A 81 -23.09 4.72 -4.94
C MET A 81 -23.10 5.51 -3.63
N THR A 82 -21.98 6.14 -3.22
CA THR A 82 -21.85 6.76 -1.87
C THR A 82 -21.68 8.29 -1.91
N GLY A 83 -21.29 8.87 -3.03
CA GLY A 83 -20.97 10.31 -3.11
C GLY A 83 -19.71 10.64 -2.35
N LYS A 84 -18.86 9.63 -2.12
CA LYS A 84 -17.63 9.74 -1.30
C LYS A 84 -16.43 9.18 -2.06
N TYR A 85 -15.25 9.78 -1.83
CA TYR A 85 -13.96 9.15 -2.18
C TYR A 85 -13.92 7.77 -1.49
N GLN A 86 -13.94 6.72 -2.30
CA GLN A 86 -14.16 5.32 -1.85
C GLN A 86 -12.95 4.87 -1.02
N GLN A 87 -11.79 5.49 -1.21
CA GLN A 87 -10.57 5.20 -0.42
C GLN A 87 -10.79 5.62 1.05
N ARG A 88 -11.74 6.52 1.33
CA ARG A 88 -12.04 6.94 2.72
C ARG A 88 -12.54 5.73 3.52
N PHE A 89 -13.19 4.77 2.87
CA PHE A 89 -13.66 3.54 3.54
C PHE A 89 -12.90 2.32 3.00
N GLY A 90 -11.69 2.55 2.49
CA GLY A 90 -10.72 1.47 2.20
C GLY A 90 -11.05 0.66 0.95
N TYR A 91 -11.92 1.17 0.07
CA TYR A 91 -12.32 0.53 -1.20
C TYR A 91 -11.39 1.07 -2.30
N GLU A 92 -10.13 0.69 -2.26
CA GLU A 92 -9.05 1.37 -3.01
C GLU A 92 -8.70 0.58 -4.27
N GLU A 93 -8.36 -0.70 -4.13
CA GLU A 93 -8.01 -1.58 -5.27
C GLU A 93 -9.28 -2.33 -5.68
N ILE A 94 -9.37 -2.76 -6.93
CA ILE A 94 -10.59 -3.42 -7.47
C ILE A 94 -10.78 -4.78 -6.79
N ASN A 95 -12.03 -5.09 -6.47
CA ASN A 95 -12.50 -6.39 -5.93
C ASN A 95 -12.66 -7.33 -7.13
N VAL A 96 -11.72 -8.27 -7.30
CA VAL A 96 -11.80 -9.33 -8.33
C VAL A 96 -11.51 -10.67 -7.67
N PRO A 97 -12.58 -11.44 -7.31
CA PRO A 97 -12.39 -12.77 -6.74
C PRO A 97 -11.43 -13.61 -7.59
N GLY A 98 -10.41 -14.19 -6.95
CA GLY A 98 -9.39 -15.08 -7.54
C GLY A 98 -8.13 -14.35 -7.97
N PHE A 99 -8.16 -13.00 -7.99
CA PHE A 99 -7.07 -12.12 -8.46
C PHE A 99 -6.40 -11.44 -7.27
N MET A 100 -6.86 -11.77 -6.06
CA MET A 100 -6.44 -11.05 -4.84
C MET A 100 -5.21 -11.74 -4.23
N SER A 101 -4.34 -10.94 -3.63
CA SER A 101 -3.16 -11.42 -2.88
C SER A 101 -3.58 -12.51 -1.88
N GLY A 102 -2.79 -13.57 -1.77
CA GLY A 102 -2.87 -14.53 -0.65
C GLY A 102 -2.88 -13.84 0.70
N ASN A 103 -2.34 -12.63 0.80
CA ASN A 103 -2.21 -11.84 2.05
C ASN A 103 -3.41 -10.90 2.24
N SER A 104 -4.33 -10.80 1.27
CA SER A 104 -5.46 -9.83 1.30
C SER A 104 -6.29 -10.08 2.55
N ALA A 105 -6.71 -9.02 3.24
CA ALA A 105 -7.57 -9.10 4.45
C ALA A 105 -8.92 -9.73 4.11
N LEU A 106 -9.49 -9.34 2.97
CA LEU A 106 -10.79 -9.87 2.49
C LEU A 106 -10.56 -10.47 1.12
N LYS A 107 -11.18 -11.62 0.87
CA LYS A 107 -11.08 -12.39 -0.38
C LYS A 107 -12.48 -12.84 -0.82
N GLY A 108 -12.59 -13.32 -2.05
CA GLY A 108 -13.83 -13.89 -2.61
C GLY A 108 -15.02 -13.02 -2.29
N ALA A 109 -16.07 -13.63 -1.74
CA ALA A 109 -17.39 -13.00 -1.55
C ALA A 109 -17.32 -11.95 -0.43
N ASP A 110 -16.25 -11.91 0.36
CA ASP A 110 -16.14 -11.00 1.54
C ASP A 110 -15.75 -9.57 1.11
N MET A 111 -15.27 -9.39 -0.12
CA MET A 111 -14.99 -8.03 -0.66
C MET A 111 -16.32 -7.40 -1.06
N GLY A 112 -16.59 -6.21 -0.55
CA GLY A 112 -17.83 -5.50 -0.89
C GLY A 112 -17.86 -4.11 -0.33
N LEU A 113 -18.80 -3.30 -0.82
CA LEU A 113 -19.08 -1.95 -0.27
C LEU A 113 -19.36 -2.12 1.22
N PRO A 114 -18.52 -1.56 2.12
CA PRO A 114 -18.75 -1.68 3.55
C PRO A 114 -20.20 -1.36 3.92
N LEU A 115 -20.78 -2.18 4.81
CA LEU A 115 -22.22 -2.10 5.16
C LEU A 115 -22.52 -0.79 5.89
N ASP A 116 -21.52 -0.12 6.48
CA ASP A 116 -21.77 1.15 7.20
C ASP A 116 -21.88 2.32 6.21
N GLN A 117 -21.70 2.09 4.91
CA GLN A 117 -21.89 3.16 3.89
C GLN A 117 -23.38 3.22 3.48
N LYS A 118 -23.86 4.42 3.23
CA LYS A 118 -25.27 4.65 2.84
C LYS A 118 -25.29 4.91 1.34
N THR A 119 -26.15 4.23 0.58
CA THR A 119 -26.09 4.30 -0.90
C THR A 119 -27.06 5.36 -1.43
N MET A 120 -26.90 5.67 -2.71
CA MET A 120 -27.84 6.44 -3.55
C MET A 120 -29.26 5.86 -3.43
N GLY A 121 -29.38 4.54 -3.50
CA GLY A 121 -30.64 3.80 -3.28
C GLY A 121 -31.24 4.09 -1.92
N ASP A 122 -30.45 3.97 -0.86
CA ASP A 122 -30.89 4.27 0.54
C ASP A 122 -31.43 5.70 0.62
N TYR A 123 -30.71 6.68 0.05
CA TYR A 123 -31.07 8.11 0.16
C TYR A 123 -32.40 8.37 -0.55
N LEU A 124 -32.61 7.78 -1.73
CA LEU A 124 -33.84 8.04 -2.52
C LEU A 124 -35.02 7.26 -1.91
N LYS A 125 -34.74 6.11 -1.31
CA LYS A 125 -35.74 5.34 -0.50
C LYS A 125 -36.28 6.24 0.62
N GLU A 126 -35.40 6.99 1.31
CA GLU A 126 -35.81 7.93 2.39
C GLU A 126 -36.77 8.98 1.85
N GLN A 127 -36.65 9.35 0.56
CA GLN A 127 -37.47 10.40 -0.07
C GLN A 127 -38.71 9.77 -0.72
N GLY A 128 -38.99 8.50 -0.44
CA GLY A 128 -40.21 7.79 -0.89
C GLY A 128 -40.11 7.24 -2.31
N TYR A 129 -38.92 7.08 -2.88
CA TYR A 129 -38.74 6.57 -4.26
C TYR A 129 -38.83 5.04 -4.30
N LYS A 130 -39.44 4.52 -5.37
CA LYS A 130 -39.25 3.13 -5.85
C LYS A 130 -37.84 3.09 -6.45
N THR A 131 -37.07 2.05 -6.15
CA THR A 131 -35.63 1.96 -6.56
C THR A 131 -35.40 0.60 -7.25
N ALA A 132 -34.70 0.62 -8.38
CA ALA A 132 -34.35 -0.62 -9.12
C ALA A 132 -32.92 -0.50 -9.63
N VAL A 133 -32.20 -1.61 -9.71
CA VAL A 133 -30.89 -1.70 -10.39
C VAL A 133 -30.99 -2.81 -11.42
N PHE A 134 -30.62 -2.52 -12.66
CA PHE A 134 -30.56 -3.50 -13.76
C PHE A 134 -29.13 -3.59 -14.27
N GLY A 135 -28.59 -4.81 -14.30
CA GLY A 135 -27.28 -5.14 -14.89
C GLY A 135 -26.20 -5.33 -13.84
N LYS A 136 -25.05 -4.71 -14.06
CA LYS A 136 -23.79 -5.01 -13.32
C LYS A 136 -23.85 -4.38 -11.93
N TRP A 137 -23.61 -5.18 -10.89
CA TRP A 137 -23.46 -4.67 -9.50
C TRP A 137 -21.98 -4.38 -9.19
N HIS A 138 -21.19 -5.43 -8.97
CA HIS A 138 -19.73 -5.40 -8.67
C HIS A 138 -19.40 -4.71 -7.35
N LEU A 139 -20.33 -4.65 -6.40
CA LEU A 139 -20.12 -4.04 -5.06
C LEU A 139 -20.24 -5.10 -3.96
N GLY A 140 -20.01 -6.37 -4.33
CA GLY A 140 -19.79 -7.51 -3.41
C GLY A 140 -20.63 -8.70 -3.82
N ASP A 141 -20.09 -9.92 -3.70
CA ASP A 141 -20.77 -11.17 -4.13
C ASP A 141 -21.56 -11.80 -2.97
N ALA A 142 -21.20 -11.56 -1.72
CA ALA A 142 -21.92 -12.16 -0.58
C ALA A 142 -23.36 -11.61 -0.54
N ASP A 143 -24.29 -12.39 0.00
CA ASP A 143 -25.72 -12.02 0.21
C ASP A 143 -25.82 -10.68 0.94
N ARG A 144 -24.96 -10.38 1.92
CA ARG A 144 -25.12 -9.16 2.73
C ARG A 144 -24.80 -7.91 1.88
N PHE A 145 -24.13 -8.05 0.74
CA PHE A 145 -23.74 -6.91 -0.13
C PHE A 145 -24.74 -6.74 -1.29
N HIS A 146 -25.78 -7.56 -1.31
CA HIS A 146 -26.76 -7.65 -2.42
C HIS A 146 -27.50 -6.33 -2.59
N PRO A 147 -27.81 -5.91 -3.83
CA PRO A 147 -28.58 -4.69 -4.05
C PRO A 147 -29.83 -4.54 -3.18
N LEU A 148 -30.59 -5.62 -2.93
CA LEU A 148 -31.84 -5.57 -2.14
C LEU A 148 -31.55 -5.33 -0.65
N LYS A 149 -30.28 -5.40 -0.25
CA LYS A 149 -29.86 -5.01 1.13
C LYS A 149 -29.32 -3.59 1.14
N ARG A 150 -29.14 -2.96 -0.02
CA ARG A 150 -28.42 -1.67 -0.16
C ARG A 150 -29.34 -0.60 -0.74
N GLY A 151 -30.66 -0.72 -0.49
CA GLY A 151 -31.66 0.32 -0.79
C GLY A 151 -32.35 0.16 -2.14
N PHE A 152 -32.20 -0.98 -2.80
CA PHE A 152 -32.89 -1.27 -4.07
C PHE A 152 -34.03 -2.24 -3.80
N ASP A 153 -35.25 -1.89 -4.20
CA ASP A 153 -36.46 -2.74 -4.17
C ASP A 153 -36.31 -3.97 -5.09
N THR A 154 -35.69 -3.77 -6.25
CA THR A 154 -35.76 -4.69 -7.40
C THR A 154 -34.41 -4.77 -8.10
N PHE A 155 -34.07 -5.95 -8.59
CA PHE A 155 -32.76 -6.26 -9.23
C PHE A 155 -33.03 -7.26 -10.34
N LEU A 156 -32.49 -6.98 -11.53
CA LEU A 156 -32.19 -8.01 -12.54
C LEU A 156 -30.80 -7.73 -13.08
N GLY A 157 -29.84 -8.62 -12.81
CA GLY A 157 -28.44 -8.34 -13.15
C GLY A 157 -27.55 -9.42 -12.62
N PHE A 158 -26.28 -9.10 -12.42
CA PHE A 158 -25.25 -10.07 -11.96
C PHE A 158 -24.38 -9.34 -10.94
N ARG A 159 -23.94 -10.10 -9.93
CA ARG A 159 -23.23 -9.58 -8.75
C ARG A 159 -21.80 -9.16 -9.12
N GLY A 160 -21.13 -9.86 -10.04
CA GLY A 160 -19.69 -9.72 -10.31
C GLY A 160 -19.36 -8.69 -11.38
N GLY A 161 -18.20 -8.84 -12.03
CA GLY A 161 -17.55 -7.79 -12.84
C GLY A 161 -17.82 -7.94 -14.33
N ASP A 162 -18.16 -9.13 -14.79
CA ASP A 162 -18.38 -9.37 -16.24
C ASP A 162 -19.23 -10.63 -16.44
N ARG A 163 -19.83 -10.76 -17.62
CA ARG A 163 -20.54 -12.00 -18.02
C ARG A 163 -20.88 -11.96 -19.50
N SER A 164 -21.27 -13.11 -20.02
CA SER A 164 -21.67 -13.29 -21.43
C SER A 164 -22.92 -12.46 -21.74
N TYR A 165 -23.05 -11.98 -22.97
CA TYR A 165 -24.25 -11.25 -23.45
C TYR A 165 -25.32 -12.26 -23.86
N PHE A 166 -25.01 -13.56 -23.88
CA PHE A 166 -26.01 -14.64 -24.14
C PHE A 166 -26.06 -15.61 -22.95
N ASN A 167 -26.99 -16.56 -23.01
CA ASN A 167 -27.24 -17.52 -21.90
C ASN A 167 -26.02 -18.45 -21.76
N TYR A 168 -25.61 -18.73 -20.51
CA TYR A 168 -24.66 -19.82 -20.22
C TYR A 168 -25.43 -21.14 -20.22
N SER A 169 -24.84 -22.22 -20.77
CA SER A 169 -25.40 -23.59 -20.69
C SER A 169 -25.31 -24.08 -19.25
N GLU A 170 -26.09 -25.10 -18.87
CA GLU A 170 -26.00 -25.74 -17.52
C GLU A 170 -24.56 -26.23 -17.34
N GLN A 171 -23.96 -26.82 -18.37
CA GLN A 171 -22.60 -27.39 -18.25
C GLN A 171 -21.59 -26.26 -17.95
N GLU A 172 -21.69 -25.09 -18.59
CA GLU A 172 -20.75 -23.96 -18.34
C GLU A 172 -20.85 -23.51 -16.89
N MET A 173 -22.07 -23.46 -16.34
CA MET A 173 -22.32 -23.05 -14.93
C MET A 173 -21.77 -24.14 -13.98
N LYS A 174 -21.96 -25.42 -14.29
CA LYS A 174 -21.45 -26.58 -13.48
C LYS A 174 -19.92 -26.53 -13.45
N ASN A 175 -19.26 -26.23 -14.57
CA ASN A 175 -17.77 -26.28 -14.72
C ASN A 175 -17.09 -24.97 -14.28
N GLY A 176 -17.84 -23.91 -13.94
CA GLY A 176 -17.25 -22.63 -13.49
C GLY A 176 -16.45 -22.80 -12.21
N ASN A 177 -15.44 -21.96 -11.97
CA ASN A 177 -14.65 -21.94 -10.71
C ASN A 177 -15.57 -21.47 -9.57
N LYS A 178 -15.05 -21.31 -8.36
CA LYS A 178 -15.89 -21.10 -7.15
C LYS A 178 -16.45 -19.67 -7.14
N HIS A 179 -15.97 -18.78 -8.03
CA HIS A 179 -16.43 -17.37 -8.15
C HIS A 179 -17.39 -17.20 -9.33
N PHE A 180 -17.55 -18.23 -10.18
CA PHE A 180 -18.35 -18.15 -11.43
C PHE A 180 -19.81 -17.78 -11.14
N PHE A 181 -20.34 -18.14 -9.95
CA PHE A 181 -21.75 -17.88 -9.60
C PHE A 181 -22.05 -16.38 -9.71
N ASP A 182 -21.06 -15.51 -9.55
CA ASP A 182 -21.30 -14.04 -9.53
C ASP A 182 -21.60 -13.54 -10.96
N LYS A 183 -21.51 -14.39 -11.97
CA LYS A 183 -21.76 -14.03 -13.40
C LYS A 183 -23.19 -14.43 -13.79
N LYS A 184 -23.88 -15.23 -12.96
CA LYS A 184 -25.21 -15.79 -13.32
C LYS A 184 -26.22 -14.65 -13.30
N LEU A 185 -27.11 -14.58 -14.30
CA LEU A 185 -28.17 -13.55 -14.30
C LEU A 185 -29.19 -13.92 -13.22
N GLU A 186 -29.56 -12.93 -12.42
CA GLU A 186 -30.28 -13.08 -11.14
C GLU A 186 -31.41 -12.04 -11.08
N ARG A 187 -32.59 -12.47 -10.68
CA ARG A 187 -33.72 -11.57 -10.32
C ARG A 187 -33.82 -11.52 -8.79
N ASP A 188 -33.79 -10.31 -8.26
CA ASP A 188 -33.94 -10.04 -6.80
C ASP A 188 -32.94 -10.95 -6.07
N PHE A 189 -33.38 -11.68 -5.04
CA PHE A 189 -32.50 -12.31 -4.03
C PHE A 189 -32.35 -13.78 -4.37
N GLY A 190 -31.50 -14.10 -5.36
CA GLY A 190 -31.04 -15.46 -5.69
C GLY A 190 -31.94 -16.24 -6.66
N ASN A 191 -32.82 -15.58 -7.42
CA ASN A 191 -33.72 -16.25 -8.41
C ASN A 191 -33.00 -16.24 -9.76
N TYR A 192 -32.23 -17.30 -10.03
CA TYR A 192 -31.27 -17.36 -11.16
C TYR A 192 -32.06 -17.73 -12.41
N GLU A 193 -31.87 -16.98 -13.50
CA GLU A 193 -32.45 -17.30 -14.82
C GLU A 193 -31.61 -16.59 -15.89
N GLU A 194 -31.10 -17.38 -16.85
CA GLU A 194 -30.20 -16.87 -17.90
C GLU A 194 -31.01 -16.04 -18.89
N PRO A 195 -30.38 -15.05 -19.57
CA PRO A 195 -31.09 -14.18 -20.50
C PRO A 195 -31.62 -14.97 -21.70
N LYS A 196 -32.83 -14.65 -22.15
CA LYS A 196 -33.52 -15.37 -23.27
C LYS A 196 -33.10 -14.74 -24.60
N GLU A 197 -32.50 -13.54 -24.57
CA GLU A 197 -31.95 -12.88 -25.80
C GLU A 197 -30.73 -12.03 -25.40
N TYR A 198 -30.17 -11.30 -26.35
CA TYR A 198 -28.97 -10.43 -26.17
C TYR A 198 -29.18 -9.62 -24.88
N LEU A 199 -28.23 -9.71 -23.95
CA LEU A 199 -28.40 -9.16 -22.57
C LEU A 199 -28.68 -7.67 -22.62
N THR A 200 -28.03 -6.91 -23.50
CA THR A 200 -28.20 -5.44 -23.55
C THR A 200 -29.69 -5.10 -23.77
N ASP A 201 -30.34 -5.83 -24.68
CA ASP A 201 -31.78 -5.65 -24.98
C ASP A 201 -32.61 -6.05 -23.76
N VAL A 202 -32.28 -7.17 -23.11
CA VAL A 202 -32.99 -7.64 -21.87
C VAL A 202 -32.98 -6.53 -20.85
N LEU A 203 -31.82 -5.93 -20.57
CA LEU A 203 -31.67 -4.93 -19.50
C LEU A 203 -32.48 -3.68 -19.83
N GLY A 204 -32.39 -3.17 -21.07
CA GLY A 204 -33.18 -2.01 -21.54
C GLY A 204 -34.68 -2.29 -21.43
N LYS A 205 -35.14 -3.44 -21.92
CA LYS A 205 -36.59 -3.79 -21.90
C LYS A 205 -37.07 -3.92 -20.45
N GLU A 206 -36.27 -4.50 -19.57
CA GLU A 206 -36.64 -4.60 -18.13
C GLU A 206 -36.80 -3.21 -17.51
N ALA A 207 -35.87 -2.29 -17.78
CA ALA A 207 -35.95 -0.91 -17.25
C ALA A 207 -37.23 -0.23 -17.76
N ALA A 208 -37.57 -0.41 -19.04
CA ALA A 208 -38.79 0.16 -19.65
C ALA A 208 -40.05 -0.45 -18.99
N LYS A 209 -40.08 -1.77 -18.74
CA LYS A 209 -41.20 -2.45 -18.03
C LYS A 209 -41.35 -1.82 -16.64
N TYR A 210 -40.24 -1.58 -15.95
CA TYR A 210 -40.27 -1.05 -14.57
C TYR A 210 -40.85 0.38 -14.60
N ILE A 211 -40.49 1.18 -15.60
CA ILE A 211 -41.05 2.57 -15.77
C ILE A 211 -42.57 2.47 -15.89
N GLU A 212 -43.06 1.60 -16.77
CA GLU A 212 -44.50 1.36 -17.02
C GLU A 212 -45.21 1.01 -15.71
N GLN A 213 -44.63 0.10 -14.94
CA GLN A 213 -45.20 -0.42 -13.66
C GLN A 213 -45.22 0.69 -12.60
N ASN A 214 -44.33 1.69 -12.66
CA ASN A 214 -44.16 2.69 -11.58
C ASN A 214 -44.43 4.12 -12.07
N LYS A 215 -45.18 4.27 -13.17
CA LYS A 215 -45.34 5.58 -13.88
C LYS A 215 -46.10 6.60 -13.03
N ASP A 216 -46.78 6.17 -11.95
CA ASP A 216 -47.65 7.02 -11.11
C ASP A 216 -46.94 7.46 -9.83
N GLU A 217 -45.67 7.08 -9.63
CA GLU A 217 -44.94 7.32 -8.37
C GLU A 217 -43.49 7.68 -8.70
N PRO A 218 -42.79 8.49 -7.87
CA PRO A 218 -41.37 8.77 -8.11
C PRO A 218 -40.57 7.47 -8.10
N PHE A 219 -39.72 7.28 -9.10
CA PHE A 219 -38.83 6.10 -9.19
C PHE A 219 -37.40 6.54 -9.55
N PHE A 220 -36.48 5.69 -9.13
CA PHE A 220 -35.03 5.76 -9.42
C PHE A 220 -34.61 4.43 -10.05
N ILE A 221 -34.06 4.50 -11.26
CA ILE A 221 -33.49 3.32 -11.94
C ILE A 221 -31.99 3.52 -12.09
N TYR A 222 -31.21 2.55 -11.63
CA TYR A 222 -29.76 2.44 -11.89
C TYR A 222 -29.59 1.37 -12.98
N LEU A 223 -29.42 1.81 -14.23
CA LEU A 223 -29.30 0.93 -15.41
C LEU A 223 -27.82 0.77 -15.73
N ALA A 224 -27.19 -0.23 -15.11
CA ALA A 224 -25.75 -0.51 -15.15
C ALA A 224 -25.50 -1.57 -16.22
N PHE A 225 -25.51 -1.15 -17.48
CA PHE A 225 -25.27 -2.03 -18.64
C PHE A 225 -23.91 -2.68 -18.46
N ASN A 226 -23.74 -3.92 -18.91
CA ASN A 226 -22.37 -4.49 -19.05
C ASN A 226 -21.79 -4.01 -20.38
N ALA A 227 -22.61 -3.61 -21.36
CA ALA A 227 -22.12 -2.99 -22.61
C ALA A 227 -21.23 -1.80 -22.21
N VAL A 228 -20.02 -1.64 -22.79
CA VAL A 228 -19.45 -2.42 -23.89
C VAL A 228 -18.22 -3.19 -23.38
N HIS A 229 -18.36 -3.78 -22.20
CA HIS A 229 -17.34 -4.66 -21.57
C HIS A 229 -17.23 -5.94 -22.39
N THR A 230 -16.04 -6.53 -22.44
CA THR A 230 -15.84 -7.93 -22.87
C THR A 230 -16.77 -8.82 -22.07
N PRO A 231 -17.13 -10.03 -22.56
CA PRO A 231 -16.66 -10.55 -23.85
C PRO A 231 -17.26 -9.86 -25.08
N LEU A 232 -16.52 -9.88 -26.19
CA LEU A 232 -16.94 -9.21 -27.44
C LEU A 232 -18.00 -10.08 -28.13
N GLU A 233 -19.26 -9.87 -27.76
CA GLU A 233 -20.41 -10.63 -28.29
C GLU A 233 -21.48 -9.62 -28.69
N SER A 234 -22.10 -9.83 -29.86
CA SER A 234 -23.12 -8.89 -30.39
C SER A 234 -24.23 -9.68 -31.09
N ASP A 235 -25.39 -9.04 -31.21
CA ASP A 235 -26.48 -9.40 -32.14
C ASP A 235 -25.91 -9.39 -33.56
N PRO A 236 -25.97 -10.53 -34.31
CA PRO A 236 -25.48 -10.57 -35.69
C PRO A 236 -26.03 -9.47 -36.61
N LYS A 237 -27.26 -9.02 -36.37
CA LYS A 237 -27.92 -7.95 -37.16
C LYS A 237 -27.19 -6.62 -36.93
N ASP A 238 -26.66 -6.44 -35.72
CA ASP A 238 -25.88 -5.23 -35.35
C ASP A 238 -24.51 -5.30 -36.03
N LEU A 239 -23.83 -6.44 -35.99
CA LEU A 239 -22.52 -6.67 -36.69
C LEU A 239 -22.64 -6.31 -38.18
N ALA A 240 -23.76 -6.68 -38.81
CA ALA A 240 -24.02 -6.48 -40.25
C ALA A 240 -24.02 -4.98 -40.59
N LYS A 241 -24.32 -4.11 -39.64
CA LYS A 241 -24.43 -2.64 -39.87
C LYS A 241 -23.04 -2.01 -39.97
N PHE A 242 -21.96 -2.79 -39.78
CA PHE A 242 -20.56 -2.30 -39.83
C PHE A 242 -19.72 -3.17 -40.77
N PRO A 243 -20.06 -3.23 -42.08
CA PRO A 243 -19.34 -4.07 -43.03
C PRO A 243 -17.88 -3.63 -43.26
N ASN A 244 -17.54 -2.38 -42.98
CA ASN A 244 -16.19 -1.82 -43.25
C ASN A 244 -15.29 -1.85 -42.01
N LEU A 245 -15.81 -2.28 -40.85
CA LEU A 245 -15.01 -2.43 -39.61
C LEU A 245 -14.59 -3.89 -39.51
N THR A 246 -13.45 -4.16 -38.84
CA THR A 246 -12.89 -5.53 -38.71
C THR A 246 -12.71 -5.89 -37.23
N GLY A 247 -12.71 -7.18 -36.94
CA GLY A 247 -12.27 -7.78 -35.67
C GLY A 247 -12.94 -7.18 -34.45
N LYS A 248 -12.14 -6.77 -33.47
CA LYS A 248 -12.64 -6.24 -32.18
C LYS A 248 -13.42 -4.94 -32.41
N ARG A 249 -12.95 -4.04 -33.29
CA ARG A 249 -13.62 -2.73 -33.52
C ARG A 249 -15.04 -2.93 -34.08
N LYS A 250 -15.23 -3.95 -34.92
CA LYS A 250 -16.55 -4.28 -35.51
C LYS A 250 -17.49 -4.71 -34.38
N GLU A 251 -17.01 -5.57 -33.47
CA GLU A 251 -17.78 -6.05 -32.29
C GLU A 251 -18.14 -4.84 -31.43
N LEU A 252 -17.17 -3.98 -31.14
CA LEU A 252 -17.38 -2.78 -30.31
C LEU A 252 -18.46 -1.88 -30.93
N ALA A 253 -18.40 -1.66 -32.25
CA ALA A 253 -19.40 -0.87 -33.02
C ALA A 253 -20.78 -1.48 -32.81
N ALA A 254 -20.92 -2.80 -32.97
CA ALA A 254 -22.20 -3.54 -32.84
C ALA A 254 -22.70 -3.45 -31.39
N MET A 255 -21.81 -3.66 -30.42
CA MET A 255 -22.14 -3.64 -28.99
C MET A 255 -22.57 -2.22 -28.60
N THR A 256 -21.94 -1.20 -29.19
CA THR A 256 -22.26 0.24 -28.95
C THR A 256 -23.66 0.53 -29.51
N LEU A 257 -23.98 0.02 -30.70
CA LEU A 257 -25.31 0.22 -31.34
C LEU A 257 -26.37 -0.39 -30.43
N GLY A 258 -26.10 -1.57 -29.88
CA GLY A 258 -26.98 -2.26 -28.91
C GLY A 258 -27.20 -1.43 -27.64
N LEU A 259 -26.11 -0.91 -27.04
CA LEU A 259 -26.18 -0.02 -25.85
C LEU A 259 -27.12 1.15 -26.15
N ASP A 260 -26.96 1.75 -27.34
CA ASP A 260 -27.73 2.94 -27.75
C ASP A 260 -29.21 2.55 -27.94
N ARG A 261 -29.49 1.45 -28.62
CA ARG A 261 -30.88 0.97 -28.85
C ARG A 261 -31.55 0.70 -27.49
N ALA A 262 -30.87 -0.03 -26.60
CA ALA A 262 -31.42 -0.43 -25.28
C ALA A 262 -31.69 0.82 -24.45
N SER A 263 -30.79 1.82 -24.49
CA SER A 263 -31.02 3.13 -23.84
C SER A 263 -32.28 3.77 -24.44
N GLY A 264 -32.46 3.62 -25.75
CA GLY A 264 -33.62 4.11 -26.54
C GLY A 264 -34.95 3.57 -26.00
N TYR A 265 -35.02 2.29 -25.62
CA TYR A 265 -36.24 1.67 -25.05
C TYR A 265 -36.70 2.51 -23.84
N VAL A 266 -35.72 2.91 -23.02
CA VAL A 266 -35.98 3.65 -21.76
C VAL A 266 -36.39 5.08 -22.09
N LEU A 267 -35.61 5.77 -22.91
CA LEU A 267 -35.88 7.18 -23.27
C LEU A 267 -37.25 7.29 -23.96
N ASP A 268 -37.53 6.38 -24.90
CA ASP A 268 -38.82 6.34 -25.66
C ASP A 268 -40.00 6.08 -24.70
N LYS A 269 -39.85 5.17 -23.73
CA LYS A 269 -40.92 4.86 -22.76
C LYS A 269 -41.25 6.12 -21.93
N LEU A 270 -40.24 6.86 -21.49
CA LEU A 270 -40.45 8.11 -20.73
C LEU A 270 -41.30 9.09 -21.55
N LYS A 271 -41.00 9.27 -22.84
CA LYS A 271 -41.71 10.22 -23.74
C LYS A 271 -43.14 9.71 -23.94
N GLU A 272 -43.29 8.45 -24.31
CA GLU A 272 -44.60 7.78 -24.53
C GLU A 272 -45.52 8.02 -23.30
N LEU A 273 -45.01 7.98 -22.08
CA LEU A 273 -45.86 8.04 -20.85
C LEU A 273 -45.97 9.47 -20.33
N GLY A 274 -45.41 10.46 -21.04
CA GLY A 274 -45.42 11.90 -20.66
C GLY A 274 -44.61 12.19 -19.39
N LEU A 275 -43.52 11.46 -19.15
CA LEU A 275 -42.70 11.61 -17.91
C LEU A 275 -41.44 12.46 -18.19
N ASP A 276 -41.23 12.91 -19.42
CA ASP A 276 -40.01 13.63 -19.87
C ASP A 276 -39.73 14.86 -19.01
N ASP A 277 -40.74 15.67 -18.73
CA ASP A 277 -40.56 16.99 -18.06
C ASP A 277 -40.22 16.78 -16.58
N ASN A 278 -40.63 15.66 -15.99
CA ASN A 278 -40.40 15.41 -14.55
C ASN A 278 -39.46 14.21 -14.37
N THR A 279 -38.48 14.02 -15.26
CA THR A 279 -37.46 12.94 -15.15
C THR A 279 -36.07 13.49 -15.42
N ILE A 280 -35.16 13.29 -14.48
CA ILE A 280 -33.70 13.51 -14.65
C ILE A 280 -33.12 12.23 -15.28
N VAL A 281 -32.48 12.36 -16.43
CA VAL A 281 -31.74 11.25 -17.09
C VAL A 281 -30.26 11.60 -17.07
N VAL A 282 -29.45 10.67 -16.59
CA VAL A 282 -27.97 10.79 -16.62
C VAL A 282 -27.42 9.66 -17.48
N PHE A 283 -26.47 9.97 -18.36
CA PHE A 283 -25.64 8.97 -19.03
C PHE A 283 -24.18 9.20 -18.63
N SER A 284 -23.54 8.14 -18.16
CA SER A 284 -22.07 8.10 -17.97
C SER A 284 -21.57 6.67 -18.12
N ASN A 285 -20.37 6.42 -17.62
CA ASN A 285 -19.51 5.28 -18.00
C ASN A 285 -18.59 5.00 -16.81
N ASP A 286 -18.32 3.74 -16.47
CA ASP A 286 -17.73 3.37 -15.16
C ASP A 286 -16.23 3.74 -15.07
N ASN A 287 -15.53 3.76 -16.21
CA ASN A 287 -14.08 4.00 -16.28
C ASN A 287 -13.69 4.18 -17.74
N GLY A 288 -12.49 4.70 -18.00
CA GLY A 288 -11.96 4.89 -19.36
C GLY A 288 -11.92 3.60 -20.14
N GLY A 289 -11.85 3.71 -21.47
CA GLY A 289 -11.89 2.54 -22.37
C GLY A 289 -10.62 1.69 -22.28
N PRO A 290 -10.77 0.36 -22.13
CA PRO A 290 -9.63 -0.54 -22.20
C PRO A 290 -9.32 -0.86 -23.68
N SER A 291 -8.59 0.05 -24.33
CA SER A 291 -8.39 0.04 -25.80
C SER A 291 -7.83 -1.32 -26.27
N ASP A 292 -7.02 -2.01 -25.45
CA ASP A 292 -6.44 -3.32 -25.84
C ASP A 292 -7.49 -4.43 -25.75
N LYS A 293 -8.58 -4.26 -24.98
CA LYS A 293 -9.53 -5.38 -24.67
C LYS A 293 -10.76 -5.27 -25.56
N ASN A 294 -11.37 -4.09 -25.72
CA ASN A 294 -12.66 -3.98 -26.45
C ASN A 294 -12.54 -3.01 -27.63
N ALA A 295 -11.31 -2.62 -28.00
CA ALA A 295 -10.97 -1.71 -29.14
C ALA A 295 -11.61 -0.34 -28.93
N SER A 296 -11.91 0.02 -27.68
CA SER A 296 -12.46 1.34 -27.33
C SER A 296 -11.40 2.40 -27.66
N ASN A 297 -11.86 3.60 -27.99
CA ASN A 297 -11.03 4.74 -28.42
C ASN A 297 -11.35 5.92 -27.50
N ASN A 298 -10.36 6.42 -26.76
CA ASN A 298 -10.49 7.50 -25.76
C ASN A 298 -10.12 8.86 -26.36
N ALA A 299 -10.14 9.01 -27.68
CA ALA A 299 -9.79 10.28 -28.38
C ALA A 299 -10.56 11.45 -27.78
N PRO A 300 -9.91 12.62 -27.54
CA PRO A 300 -8.51 12.85 -27.88
C PRO A 300 -7.49 12.58 -26.77
N LEU A 301 -7.84 11.72 -25.81
CA LEU A 301 -7.11 11.55 -24.53
C LEU A 301 -6.04 10.48 -24.68
N ALA A 302 -4.99 10.58 -23.87
CA ALA A 302 -3.98 9.53 -23.67
C ALA A 302 -4.52 8.57 -22.60
N GLY A 303 -4.09 7.31 -22.65
CA GLY A 303 -4.34 6.34 -21.58
C GLY A 303 -5.66 5.62 -21.75
N THR A 304 -6.04 4.88 -20.72
CA THR A 304 -7.06 3.81 -20.77
C THR A 304 -7.52 3.51 -19.35
N LYS A 305 -8.53 2.65 -19.26
CA LYS A 305 -8.88 1.86 -18.07
C LYS A 305 -7.61 1.50 -17.28
N SER A 306 -7.69 1.65 -15.95
CA SER A 306 -6.74 1.14 -14.91
C SER A 306 -5.49 2.03 -14.81
N ASN A 307 -5.40 3.13 -15.56
CA ASN A 307 -4.35 4.17 -15.33
C ASN A 307 -5.05 5.52 -15.13
N GLN A 308 -4.33 6.53 -14.65
CA GLN A 308 -4.92 7.79 -14.15
C GLN A 308 -4.64 8.95 -15.12
N LEU A 309 -4.16 8.63 -16.32
CA LEU A 309 -4.19 9.58 -17.45
C LEU A 309 -5.67 9.87 -17.72
N GLU A 310 -5.96 10.96 -18.43
CA GLU A 310 -7.34 11.42 -18.69
C GLU A 310 -8.17 10.29 -19.30
N GLY A 311 -7.57 9.45 -20.13
CA GLY A 311 -8.26 8.36 -20.85
C GLY A 311 -8.80 7.29 -19.90
N GLY A 312 -8.31 7.25 -18.65
CA GLY A 312 -8.79 6.31 -17.63
C GLY A 312 -9.89 6.88 -16.75
N ILE A 313 -9.90 8.20 -16.51
CA ILE A 313 -10.71 8.83 -15.42
C ILE A 313 -11.76 9.80 -15.99
N ARG A 314 -11.54 10.37 -17.19
CA ARG A 314 -12.53 11.24 -17.86
C ARG A 314 -13.47 10.38 -18.69
N VAL A 315 -14.78 10.64 -18.57
CA VAL A 315 -15.82 9.80 -19.20
C VAL A 315 -16.89 10.66 -19.84
N PRO A 316 -17.61 10.10 -20.85
CA PRO A 316 -18.82 10.73 -21.35
C PRO A 316 -19.77 10.93 -20.16
N PHE A 317 -20.48 12.06 -20.15
CA PHE A 317 -21.25 12.53 -18.98
C PHE A 317 -22.33 13.50 -19.46
N LEU A 318 -23.60 13.09 -19.42
CA LEU A 318 -24.79 13.89 -19.84
C LEU A 318 -25.77 13.96 -18.69
N ILE A 319 -26.42 15.12 -18.53
CA ILE A 319 -27.59 15.27 -17.62
C ILE A 319 -28.69 15.98 -18.41
N SER A 320 -29.86 15.33 -18.49
CA SER A 320 -31.08 15.88 -19.12
C SER A 320 -32.17 16.04 -18.05
N TRP A 321 -32.77 17.22 -17.99
CA TRP A 321 -33.97 17.49 -17.16
C TRP A 321 -34.77 18.59 -17.84
N PRO A 322 -35.60 18.22 -18.84
CA PRO A 322 -36.36 19.19 -19.64
C PRO A 322 -37.13 20.17 -18.74
N LYS A 323 -37.11 21.44 -19.12
CA LYS A 323 -37.76 22.58 -18.40
C LYS A 323 -36.90 22.99 -17.18
N HIS A 324 -35.73 22.39 -16.96
CA HIS A 324 -34.84 22.72 -15.82
C HIS A 324 -33.41 22.95 -16.32
N ILE A 325 -32.97 22.17 -17.31
CA ILE A 325 -31.61 22.26 -17.92
C ILE A 325 -31.79 22.60 -19.40
N LYS A 326 -31.14 23.68 -19.84
CA LYS A 326 -31.15 24.20 -21.23
C LYS A 326 -30.70 23.09 -22.19
N PRO A 327 -31.52 22.73 -23.20
CA PRO A 327 -31.10 21.78 -24.23
C PRO A 327 -29.89 22.31 -25.00
N GLY A 328 -29.03 21.41 -25.44
CA GLY A 328 -27.89 21.69 -26.34
C GLY A 328 -26.78 22.45 -25.66
N SER A 329 -26.75 22.50 -24.34
CA SER A 329 -25.76 23.30 -23.58
C SER A 329 -24.56 22.40 -23.24
N THR A 330 -23.43 23.02 -22.93
CA THR A 330 -22.21 22.32 -22.47
C THR A 330 -21.78 22.99 -21.16
N TYR A 331 -21.19 22.21 -20.27
CA TYR A 331 -20.59 22.69 -19.01
C TYR A 331 -19.15 22.18 -18.97
N ASP A 332 -18.20 23.07 -18.72
CA ASP A 332 -16.77 22.82 -19.06
C ASP A 332 -15.89 22.74 -17.81
N TYR A 333 -16.38 23.03 -16.60
CA TYR A 333 -15.61 22.82 -15.36
C TYR A 333 -15.70 21.35 -14.97
N PRO A 334 -14.63 20.79 -14.38
CA PRO A 334 -14.64 19.43 -13.88
C PRO A 334 -15.84 19.11 -12.96
N VAL A 335 -16.47 17.97 -13.22
CA VAL A 335 -17.51 17.35 -12.35
C VAL A 335 -17.17 15.89 -12.17
N SER A 336 -17.84 15.24 -11.22
CA SER A 336 -17.54 13.88 -10.75
C SER A 336 -18.84 13.06 -10.62
N THR A 337 -18.76 11.77 -10.88
CA THR A 337 -19.79 10.78 -10.48
C THR A 337 -20.11 10.95 -8.99
N LEU A 338 -19.14 11.38 -8.17
CA LEU A 338 -19.35 11.66 -6.72
C LEU A 338 -20.47 12.70 -6.56
N ASP A 339 -20.67 13.56 -7.56
CA ASP A 339 -21.66 14.68 -7.48
C ASP A 339 -23.08 14.15 -7.67
N LEU A 340 -23.25 12.96 -8.22
CA LEU A 340 -24.60 12.50 -8.64
C LEU A 340 -25.47 12.26 -7.40
N LEU A 341 -24.96 11.65 -6.33
CA LEU A 341 -25.78 11.39 -5.11
C LEU A 341 -26.37 12.71 -4.59
N PRO A 342 -25.56 13.73 -4.26
CA PRO A 342 -26.12 14.98 -3.74
C PRO A 342 -27.03 15.71 -4.76
N THR A 343 -26.73 15.62 -6.06
CA THR A 343 -27.57 16.22 -7.11
C THR A 343 -28.96 15.55 -7.08
N PHE A 344 -28.99 14.22 -7.12
CA PHE A 344 -30.24 13.40 -7.06
C PHE A 344 -31.00 13.69 -5.76
N TYR A 345 -30.30 13.72 -4.63
CA TYR A 345 -30.96 13.81 -3.30
C TYR A 345 -31.61 15.18 -3.19
N SER A 346 -30.94 16.23 -3.66
CA SER A 346 -31.47 17.63 -3.64
C SER A 346 -32.70 17.72 -4.55
N ALA A 347 -32.64 17.15 -5.75
CA ALA A 347 -33.79 17.09 -6.69
C ALA A 347 -34.96 16.37 -6.03
N ALA A 348 -34.68 15.36 -5.19
CA ALA A 348 -35.68 14.51 -4.49
C ALA A 348 -36.20 15.22 -3.23
N LYS A 349 -35.83 16.50 -3.04
CA LYS A 349 -36.29 17.38 -1.95
C LYS A 349 -35.66 16.93 -0.62
N GLY A 350 -34.53 16.22 -0.66
CA GLY A 350 -33.85 15.72 0.55
C GLY A 350 -33.26 16.86 1.35
N LYS A 351 -33.45 16.84 2.67
CA LYS A 351 -32.99 17.94 3.57
C LYS A 351 -32.07 17.37 4.65
N ALA A 352 -31.71 16.08 4.61
CA ALA A 352 -30.84 15.43 5.62
C ALA A 352 -29.64 14.74 4.95
N LEU A 353 -28.88 15.45 4.12
CA LEU A 353 -27.64 14.87 3.51
C LEU A 353 -26.65 14.56 4.64
N GLY A 354 -25.92 13.44 4.58
CA GLY A 354 -24.83 13.12 5.52
C GLY A 354 -23.74 14.18 5.48
N SER A 355 -22.99 14.34 6.56
CA SER A 355 -21.93 15.39 6.67
C SER A 355 -20.63 14.94 5.96
N ASP A 356 -20.62 13.73 5.39
CA ASP A 356 -19.40 13.04 4.91
C ASP A 356 -19.37 12.99 3.36
N ILE A 357 -20.20 13.75 2.66
CA ILE A 357 -20.34 13.66 1.17
C ILE A 357 -19.26 14.51 0.52
N ASP A 358 -18.53 13.93 -0.44
CA ASP A 358 -17.45 14.63 -1.19
C ASP A 358 -18.02 15.30 -2.45
N GLY A 359 -19.11 14.76 -2.99
CA GLY A 359 -19.77 15.35 -4.17
C GLY A 359 -20.47 16.65 -3.80
N VAL A 360 -20.89 17.41 -4.81
CA VAL A 360 -21.76 18.61 -4.64
C VAL A 360 -22.96 18.50 -5.58
N ASP A 361 -24.08 19.12 -5.17
CA ASP A 361 -25.28 19.31 -6.02
C ASP A 361 -24.86 20.18 -7.21
N LEU A 362 -24.89 19.61 -8.42
CA LEU A 362 -24.43 20.29 -9.67
C LEU A 362 -25.47 21.30 -10.17
N LEU A 363 -26.74 21.20 -9.77
CA LEU A 363 -27.82 21.98 -10.44
C LEU A 363 -27.52 23.48 -10.40
N PRO A 364 -27.17 24.09 -9.24
CA PRO A 364 -26.84 25.53 -9.21
C PRO A 364 -25.70 25.90 -10.17
N TYR A 365 -24.74 24.98 -10.36
CA TYR A 365 -23.59 25.18 -11.27
C TYR A 365 -24.07 25.10 -12.72
N ILE A 366 -24.84 24.06 -13.05
CA ILE A 366 -25.39 23.85 -14.42
C ILE A 366 -26.19 25.09 -14.83
N GLN A 367 -27.02 25.64 -13.93
CA GLN A 367 -27.96 26.73 -14.25
C GLN A 367 -27.30 28.12 -14.12
N GLY A 368 -26.04 28.17 -13.70
CA GLY A 368 -25.23 29.40 -13.65
C GLY A 368 -25.50 30.23 -12.41
N GLU A 369 -26.26 29.71 -11.44
CA GLU A 369 -26.42 30.35 -10.11
C GLU A 369 -25.07 30.38 -9.38
N ASN A 370 -24.23 29.38 -9.66
CA ASN A 370 -22.89 29.25 -9.01
C ASN A 370 -21.88 29.11 -10.14
N THR A 371 -21.09 30.16 -10.35
CA THR A 371 -20.09 30.31 -11.45
C THR A 371 -18.74 29.78 -10.99
N ALA A 372 -18.61 29.36 -9.73
CA ALA A 372 -17.37 28.76 -9.19
C ALA A 372 -17.21 27.35 -9.76
N ARG A 373 -15.99 26.83 -9.65
CA ARG A 373 -15.72 25.40 -9.92
C ARG A 373 -16.44 24.55 -8.88
N PRO A 374 -17.19 23.52 -9.31
CA PRO A 374 -17.74 22.55 -8.36
C PRO A 374 -16.66 21.85 -7.54
N HIS A 375 -15.49 21.62 -8.16
CA HIS A 375 -14.29 21.03 -7.50
C HIS A 375 -13.02 21.74 -7.98
N LYS A 376 -12.48 22.65 -7.17
CA LYS A 376 -11.16 23.28 -7.42
C LYS A 376 -10.11 22.17 -7.38
N VAL A 377 -10.24 21.25 -6.42
CA VAL A 377 -9.25 20.16 -6.16
C VAL A 377 -9.95 18.81 -6.31
N MET A 378 -9.33 17.89 -7.02
CA MET A 378 -9.83 16.50 -7.19
C MET A 378 -8.64 15.54 -7.08
N TYR A 379 -8.93 14.30 -6.67
CA TYR A 379 -7.91 13.28 -6.33
C TYR A 379 -8.29 11.92 -6.92
N TRP A 380 -7.26 11.13 -7.21
CA TRP A 380 -7.36 9.71 -7.60
C TRP A 380 -6.20 8.97 -6.91
N LYS A 381 -6.41 7.71 -6.55
CA LYS A 381 -5.38 6.91 -5.85
C LYS A 381 -5.66 5.42 -5.98
N LYS A 382 -4.63 4.70 -6.40
CA LYS A 382 -4.49 3.23 -6.33
C LYS A 382 -3.05 2.95 -5.90
N GLU A 383 -2.84 2.64 -4.62
CA GLU A 383 -1.50 2.29 -4.06
C GLU A 383 -0.57 3.51 -4.24
N ASN A 384 0.55 3.36 -4.95
CA ASN A 384 1.57 4.39 -5.18
C ASN A 384 1.12 5.32 -6.33
N ARG A 385 0.20 4.88 -7.20
CA ARG A 385 -0.30 5.71 -8.32
C ARG A 385 -1.38 6.64 -7.80
N ALA A 386 -1.18 7.94 -7.91
CA ALA A 386 -2.16 8.93 -7.42
C ALA A 386 -2.11 10.18 -8.29
N VAL A 387 -3.19 10.96 -8.24
CA VAL A 387 -3.29 12.27 -8.94
C VAL A 387 -3.89 13.28 -7.98
N ILE A 388 -3.34 14.49 -7.98
CA ILE A 388 -4.05 15.68 -7.47
C ILE A 388 -4.21 16.63 -8.65
N ARG A 389 -5.43 17.12 -8.83
CA ARG A 389 -5.75 18.21 -9.79
C ARG A 389 -6.14 19.46 -9.01
N ASP A 390 -5.49 20.60 -9.30
CA ASP A 390 -5.76 21.93 -8.70
C ASP A 390 -6.10 22.87 -9.86
N ASN A 391 -7.34 23.33 -9.96
CA ASN A 391 -7.85 24.03 -11.18
C ASN A 391 -7.55 23.14 -12.39
N ASP A 392 -6.66 23.56 -13.30
CA ASP A 392 -6.33 22.77 -14.52
C ASP A 392 -4.92 22.21 -14.43
N TRP A 393 -4.24 22.38 -13.30
CA TRP A 393 -2.94 21.71 -13.03
C TRP A 393 -3.20 20.26 -12.57
N LYS A 394 -2.51 19.30 -13.19
CA LYS A 394 -2.64 17.86 -12.86
C LYS A 394 -1.27 17.27 -12.56
N LEU A 395 -1.03 16.91 -11.30
CA LEU A 395 0.19 16.20 -10.86
C LEU A 395 -0.12 14.69 -10.80
N ILE A 396 0.67 13.88 -11.50
CA ILE A 396 0.54 12.39 -11.55
C ILE A 396 1.77 11.78 -10.88
N ARG A 397 1.55 11.02 -9.80
CA ARG A 397 2.58 10.26 -9.05
C ARG A 397 2.53 8.80 -9.50
N TYR A 398 3.69 8.20 -9.65
CA TYR A 398 3.90 6.81 -10.13
C TYR A 398 4.89 6.11 -9.21
N PRO A 399 4.90 4.76 -9.16
CA PRO A 399 5.95 4.03 -8.47
C PRO A 399 7.28 3.96 -9.23
N ASP A 400 7.24 4.13 -10.57
CA ASP A 400 8.34 3.69 -11.47
C ASP A 400 8.92 4.85 -12.28
N ARG A 401 8.56 6.09 -11.97
CA ARG A 401 9.05 7.26 -12.73
C ARG A 401 8.75 8.53 -11.96
N PRO A 402 9.48 9.64 -12.22
CA PRO A 402 9.22 10.90 -11.54
C PRO A 402 7.80 11.39 -11.78
N ALA A 403 7.23 12.06 -10.79
CA ALA A 403 5.90 12.67 -10.89
C ALA A 403 5.91 13.65 -12.07
N GLU A 404 4.79 13.70 -12.79
CA GLU A 404 4.61 14.56 -13.99
C GLU A 404 3.54 15.60 -13.68
N LEU A 405 3.68 16.80 -14.22
CA LEU A 405 2.72 17.92 -14.08
C LEU A 405 2.23 18.34 -15.47
N TYR A 406 0.91 18.41 -15.65
CA TYR A 406 0.25 18.83 -16.90
C TYR A 406 -0.63 20.04 -16.64
N ASP A 407 -0.63 20.96 -17.60
CA ASP A 407 -1.65 22.02 -17.72
C ASP A 407 -2.71 21.50 -18.68
N LEU A 408 -3.83 21.00 -18.13
CA LEU A 408 -4.94 20.41 -18.93
C LEU A 408 -5.62 21.48 -19.79
N SER A 409 -5.47 22.78 -19.49
CA SER A 409 -6.09 23.88 -20.26
C SER A 409 -5.32 24.08 -21.58
N SER A 410 -4.07 23.64 -21.69
CA SER A 410 -3.26 23.78 -22.92
C SER A 410 -2.80 22.43 -23.47
N ASP A 411 -3.01 21.31 -22.74
CA ASP A 411 -2.39 20.00 -23.07
C ASP A 411 -3.33 18.88 -22.59
N ILE A 412 -4.48 18.74 -23.25
CA ILE A 412 -5.54 17.75 -22.86
C ILE A 412 -4.96 16.33 -22.94
N SER A 413 -3.96 16.12 -23.79
CA SER A 413 -3.42 14.76 -24.11
C SER A 413 -2.19 14.41 -23.26
N GLU A 414 -1.79 15.28 -22.33
CA GLU A 414 -0.76 14.98 -21.29
C GLU A 414 0.57 14.59 -21.96
N GLN A 415 1.05 15.37 -22.93
CA GLN A 415 2.30 15.06 -23.69
C GLN A 415 3.44 15.99 -23.25
N THR A 416 3.15 17.11 -22.61
CA THR A 416 4.16 18.14 -22.23
C THR A 416 4.32 18.22 -20.71
N ASP A 417 5.26 17.46 -20.17
CA ASP A 417 5.57 17.39 -18.72
C ASP A 417 6.21 18.72 -18.31
N LEU A 418 5.61 19.42 -17.35
CA LEU A 418 6.01 20.78 -16.89
C LEU A 418 6.62 20.69 -15.49
N ALA A 419 6.88 19.48 -14.98
CA ALA A 419 7.42 19.27 -13.61
C ALA A 419 8.73 20.04 -13.46
N ALA A 420 9.68 19.86 -14.38
CA ALA A 420 11.02 20.51 -14.33
C ALA A 420 10.85 22.04 -14.38
N LYS A 421 9.92 22.55 -15.18
CA LYS A 421 9.71 24.02 -15.37
C LYS A 421 9.00 24.61 -14.15
N ASN A 422 8.29 23.81 -13.34
CA ASN A 422 7.48 24.35 -12.22
C ASN A 422 7.76 23.58 -10.93
N PRO A 423 9.02 23.57 -10.42
CA PRO A 423 9.37 22.71 -9.29
C PRO A 423 8.65 23.09 -7.97
N GLU A 424 8.35 24.37 -7.75
CA GLU A 424 7.65 24.84 -6.53
C GLU A 424 6.19 24.34 -6.54
N ARG A 425 5.52 24.41 -7.70
CA ARG A 425 4.12 23.97 -7.82
C ARG A 425 4.06 22.45 -7.58
N VAL A 426 5.00 21.70 -8.14
CA VAL A 426 5.13 20.22 -7.96
C VAL A 426 5.24 19.92 -6.45
N LYS A 427 6.08 20.65 -5.72
CA LYS A 427 6.29 20.43 -4.25
C LYS A 427 5.00 20.72 -3.49
N THR A 428 4.33 21.83 -3.80
CA THR A 428 3.10 22.27 -3.10
C THR A 428 1.96 21.25 -3.40
N MET A 429 1.80 20.79 -4.65
CA MET A 429 0.73 19.81 -5.00
C MET A 429 1.03 18.46 -4.35
N PHE A 430 2.30 18.03 -4.35
CA PHE A 430 2.74 16.80 -3.64
C PHE A 430 2.27 16.84 -2.17
N LYS A 431 2.49 17.94 -1.45
CA LYS A 431 2.12 18.07 -0.02
C LYS A 431 0.60 17.98 0.13
N SER A 432 -0.15 18.65 -0.75
CA SER A 432 -1.65 18.65 -0.76
C SER A 432 -2.15 17.22 -1.02
N LEU A 433 -1.52 16.51 -1.96
CA LEU A 433 -1.89 15.11 -2.28
C LEU A 433 -1.75 14.27 -1.00
N PHE A 434 -0.60 14.35 -0.34
CA PHE A 434 -0.32 13.53 0.86
C PHE A 434 -1.29 13.88 2.01
N GLU A 435 -1.63 15.16 2.18
CA GLU A 435 -2.61 15.59 3.21
C GLU A 435 -3.95 14.88 2.97
N TRP A 436 -4.40 14.76 1.73
CA TRP A 436 -5.64 14.02 1.39
C TRP A 436 -5.45 12.53 1.67
N GLU A 437 -4.32 11.94 1.28
CA GLU A 437 -4.01 10.51 1.57
C GLU A 437 -4.15 10.22 3.07
N LEU A 438 -3.83 11.20 3.92
CA LEU A 438 -3.87 11.06 5.40
C LEU A 438 -5.31 10.98 5.91
N THR A 439 -6.32 11.32 5.09
CA THR A 439 -7.75 11.28 5.48
C THR A 439 -8.36 9.94 5.06
N LEU A 440 -7.58 9.05 4.46
CA LEU A 440 -8.10 7.78 3.91
C LEU A 440 -7.83 6.64 4.90
N GLU A 441 -8.68 5.61 4.84
CA GLU A 441 -8.40 4.31 5.49
C GLU A 441 -7.33 3.58 4.68
N ARG A 442 -6.67 2.61 5.29
CA ARG A 442 -5.84 1.64 4.56
C ARG A 442 -6.80 0.77 3.76
N PRO A 443 -6.35 0.18 2.62
CA PRO A 443 -7.21 -0.65 1.79
C PRO A 443 -7.75 -1.87 2.56
N ARG A 444 -8.94 -2.35 2.18
CA ARG A 444 -9.60 -3.52 2.80
C ARG A 444 -9.22 -4.81 2.08
N TRP A 445 -8.67 -4.71 0.87
CA TRP A 445 -8.21 -5.87 0.05
C TRP A 445 -7.16 -5.38 -0.95
N LEU A 446 -6.28 -6.29 -1.37
CA LEU A 446 -5.10 -6.00 -2.20
C LEU A 446 -5.00 -7.03 -3.31
N LEU A 447 -4.82 -6.55 -4.54
CA LEU A 447 -4.61 -7.37 -5.77
C LEU A 447 -3.29 -8.13 -5.69
N LYS A 448 -3.18 -9.23 -6.41
CA LYS A 448 -1.87 -9.88 -6.63
C LYS A 448 -0.92 -8.83 -7.22
N ARG A 449 0.35 -8.93 -6.87
CA ARG A 449 1.43 -7.95 -7.20
C ARG A 449 1.50 -7.70 -8.72
N LYS A 450 1.31 -8.75 -9.52
CA LYS A 450 1.60 -8.72 -10.97
C LYS A 450 0.68 -7.74 -11.69
N TYR A 451 -0.50 -7.39 -11.15
CA TYR A 451 -1.49 -6.56 -11.88
C TYR A 451 -1.01 -5.11 -12.00
N GLU A 452 -0.17 -4.64 -11.08
CA GLU A 452 0.45 -3.30 -11.14
C GLU A 452 1.31 -3.19 -12.40
N LYS A 453 2.02 -4.26 -12.76
CA LYS A 453 2.82 -4.33 -14.03
C LYS A 453 1.88 -4.24 -15.23
N TYR A 454 0.80 -5.02 -15.25
CA TYR A 454 -0.19 -5.01 -16.37
C TYR A 454 -0.74 -3.59 -16.53
N ASP A 455 -1.15 -2.95 -15.43
CA ASP A 455 -1.78 -1.60 -15.46
C ASP A 455 -0.80 -0.58 -16.05
N ILE A 456 0.45 -0.58 -15.60
CA ILE A 456 1.48 0.41 -16.04
C ILE A 456 1.90 0.13 -17.49
N ASP A 457 2.11 -1.13 -17.86
CA ASP A 457 2.55 -1.51 -19.23
C ASP A 457 1.48 -1.08 -20.24
N ARG A 458 0.20 -1.31 -19.93
CA ARG A 458 -0.86 -0.84 -20.85
C ARG A 458 -0.85 0.69 -20.93
N MET A 459 -0.70 1.39 -19.81
CA MET A 459 -0.60 2.87 -19.81
C MET A 459 0.48 3.30 -20.82
N ASP A 460 1.64 2.64 -20.82
CA ASP A 460 2.78 3.04 -21.70
C ASP A 460 2.46 2.70 -23.16
N LYS A 461 1.65 1.68 -23.40
CA LYS A 461 1.21 1.27 -24.76
C LYS A 461 0.29 2.37 -25.33
N TYR A 462 -0.41 3.14 -24.48
CA TYR A 462 -1.38 4.18 -24.90
C TYR A 462 -0.97 5.54 -24.33
N ARG A 463 0.33 5.81 -24.33
CA ARG A 463 0.88 7.05 -23.74
C ARG A 463 0.62 8.22 -24.70
N LEU A 464 0.51 7.95 -26.01
CA LEU A 464 0.21 8.96 -27.05
C LEU A 464 -1.28 9.29 -27.06
N PRO A 465 -1.69 10.47 -27.57
CA PRO A 465 -3.10 10.82 -27.70
C PRO A 465 -3.78 9.82 -28.64
N ALA A 466 -4.99 9.35 -28.32
CA ALA A 466 -5.86 8.63 -29.27
C ALA A 466 -6.47 9.66 -30.24
N THR A 467 -6.86 9.22 -31.43
CA THR A 467 -7.48 10.10 -32.46
C THR A 467 -8.69 9.39 -33.07
N GLN A 468 -9.71 10.16 -33.44
CA GLN A 468 -10.96 9.67 -34.06
C GLN A 468 -10.59 9.01 -35.38
N PRO A 469 -11.05 7.76 -35.66
CA PRO A 469 -10.72 7.09 -36.92
C PRO A 469 -11.46 7.63 -38.15
N SER B 23 36.88 -26.98 12.87
CA SER B 23 36.13 -26.80 14.14
C SER B 23 35.02 -25.75 13.97
N LYS B 24 33.78 -26.08 14.34
CA LYS B 24 32.64 -25.14 14.26
C LYS B 24 32.85 -24.04 15.30
N PRO B 25 32.93 -22.76 14.89
CA PRO B 25 33.05 -21.66 15.84
C PRO B 25 31.73 -21.42 16.60
N ASN B 26 31.82 -20.98 17.85
CA ASN B 26 30.64 -20.40 18.53
C ASN B 26 30.29 -19.08 17.83
N ILE B 27 29.03 -18.66 17.94
CA ILE B 27 28.54 -17.40 17.31
C ILE B 27 27.70 -16.63 18.34
N VAL B 28 28.07 -15.39 18.60
CA VAL B 28 27.33 -14.48 19.54
C VAL B 28 26.96 -13.25 18.74
N LEU B 29 25.66 -13.06 18.54
CA LEU B 29 25.10 -11.86 17.87
C LEU B 29 24.49 -10.97 18.94
N ILE B 30 25.15 -9.84 19.22
CA ILE B 30 24.65 -8.80 20.14
C ILE B 30 23.96 -7.78 19.27
N PHE B 31 22.67 -7.61 19.48
CA PHE B 31 21.79 -6.78 18.61
C PHE B 31 21.05 -5.78 19.51
N ALA B 32 21.54 -4.54 19.51
CA ALA B 32 20.99 -3.44 20.32
C ALA B 32 19.70 -2.95 19.65
N ASP B 33 18.98 -2.07 20.34
CA ASP B 33 17.68 -1.52 19.88
C ASP B 33 17.77 0.00 19.94
N ASP B 34 17.59 0.67 18.79
CA ASP B 34 17.30 2.14 18.72
C ASP B 34 18.53 2.96 19.12
N ALA B 35 19.73 2.40 18.98
CA ALA B 35 20.99 3.12 19.29
C ALA B 35 21.26 4.13 18.18
N GLY B 36 21.78 5.30 18.53
CA GLY B 36 22.27 6.29 17.58
C GLY B 36 23.53 5.81 16.87
N PHE B 37 23.64 6.08 15.58
CA PHE B 37 24.83 5.74 14.75
C PHE B 37 26.13 6.22 15.39
N GLY B 38 26.11 7.40 16.02
CA GLY B 38 27.30 8.08 16.58
C GLY B 38 27.54 7.76 18.05
N ASP B 39 26.69 6.93 18.67
CA ASP B 39 26.56 6.88 20.15
C ASP B 39 27.38 5.69 20.72
N PHE B 40 28.57 5.46 20.17
CA PHE B 40 29.60 4.52 20.70
C PHE B 40 30.98 5.17 20.51
N GLY B 41 31.92 4.89 21.41
CA GLY B 41 33.32 5.34 21.26
C GLY B 41 33.86 4.98 19.89
N PHE B 42 33.64 3.74 19.44
CA PHE B 42 34.19 3.22 18.15
C PHE B 42 33.50 3.89 16.95
N GLN B 43 32.37 4.58 17.18
CA GLN B 43 31.62 5.34 16.14
C GLN B 43 31.94 6.83 16.25
N GLY B 44 32.84 7.25 17.14
CA GLY B 44 33.33 8.64 17.23
C GLY B 44 32.78 9.40 18.42
N SER B 45 32.04 8.77 19.33
CA SER B 45 31.50 9.46 20.53
C SER B 45 32.65 9.76 21.49
N THR B 46 32.69 10.99 21.99
CA THR B 46 33.59 11.43 23.10
C THR B 46 32.74 11.83 24.31
N GLN B 47 31.42 11.66 24.25
CA GLN B 47 30.50 11.98 25.37
C GLN B 47 30.05 10.70 26.08
N LEU B 48 29.83 9.60 25.35
CA LEU B 48 29.26 8.36 25.93
C LEU B 48 30.39 7.41 26.30
N LYS B 49 30.10 6.46 27.18
CA LYS B 49 31.12 5.47 27.66
C LYS B 49 30.71 4.10 27.15
N THR B 50 31.48 3.53 26.21
CA THR B 50 31.29 2.15 25.70
C THR B 50 32.64 1.43 25.63
N PRO B 51 33.37 1.28 26.76
CA PRO B 51 34.72 0.71 26.74
C PRO B 51 34.76 -0.75 26.24
N ASN B 52 33.79 -1.57 26.68
CA ASN B 52 33.75 -3.01 26.31
C ASN B 52 33.54 -3.15 24.81
N LEU B 53 32.57 -2.42 24.25
CA LEU B 53 32.29 -2.50 22.79
C LEU B 53 33.41 -1.81 21.99
N ASP B 54 34.07 -0.78 22.53
CA ASP B 54 35.24 -0.14 21.86
C ASP B 54 36.35 -1.18 21.69
N LYS B 55 36.58 -2.00 22.71
CA LYS B 55 37.61 -3.08 22.66
C LYS B 55 37.15 -4.15 21.65
N LEU B 56 35.86 -4.45 21.59
CA LEU B 56 35.33 -5.43 20.61
C LEU B 56 35.63 -4.92 19.19
N ALA B 57 35.38 -3.64 18.93
CA ALA B 57 35.68 -3.01 17.62
C ALA B 57 37.17 -3.19 17.31
N GLN B 58 38.06 -2.87 18.26
CA GLN B 58 39.55 -2.95 18.07
C GLN B 58 39.97 -4.40 17.83
N SER B 59 39.22 -5.38 18.37
CA SER B 59 39.53 -6.82 18.25
C SER B 59 39.23 -7.36 16.85
N GLY B 60 38.46 -6.63 16.01
CA GLY B 60 37.98 -7.17 14.73
C GLY B 60 37.82 -6.10 13.68
N VAL B 61 36.82 -6.27 12.81
CA VAL B 61 36.58 -5.34 11.66
C VAL B 61 35.36 -4.48 12.01
N ARG B 62 35.46 -3.18 11.72
CA ARG B 62 34.35 -2.21 11.84
C ARG B 62 33.85 -1.91 10.43
N PHE B 63 32.55 -2.04 10.21
CA PHE B 63 31.89 -1.73 8.93
C PHE B 63 31.42 -0.28 8.95
N THR B 64 31.88 0.53 7.99
CA THR B 64 31.53 1.97 7.94
C THR B 64 30.19 2.17 7.23
N GLN B 65 29.73 1.16 6.50
CA GLN B 65 28.48 1.20 5.70
C GLN B 65 27.71 -0.09 5.91
N GLY B 66 27.37 -0.39 7.17
CA GLY B 66 26.53 -1.54 7.55
C GLY B 66 25.08 -1.10 7.67
N TYR B 67 24.16 -1.88 7.10
CA TYR B 67 22.72 -1.54 7.01
C TYR B 67 21.86 -2.65 7.58
N VAL B 68 20.73 -2.24 8.14
CA VAL B 68 19.58 -3.11 8.46
C VAL B 68 18.68 -3.14 7.23
N SER B 69 17.72 -4.05 7.21
CA SER B 69 16.83 -4.30 6.04
C SER B 69 15.60 -3.39 6.11
N ASP B 70 15.40 -2.71 7.23
CA ASP B 70 14.30 -1.74 7.43
C ASP B 70 14.67 -0.80 8.58
N SER B 71 14.09 0.39 8.60
CA SER B 71 14.32 1.47 9.59
C SER B 71 13.40 1.28 10.82
N THR B 72 12.69 0.15 10.94
CA THR B 72 11.89 -0.20 12.15
C THR B 72 12.13 -1.65 12.56
N SER B 73 11.76 -1.95 13.81
CA SER B 73 12.17 -3.14 14.60
C SER B 73 11.73 -4.46 13.97
N GLY B 74 10.42 -4.68 13.83
CA GLY B 74 9.86 -5.97 13.38
C GLY B 74 10.44 -6.37 12.03
N PRO B 75 10.28 -5.54 10.98
CA PRO B 75 10.78 -5.89 9.66
C PRO B 75 12.29 -6.08 9.63
N SER B 76 13.06 -5.25 10.33
CA SER B 76 14.54 -5.36 10.46
C SER B 76 14.87 -6.77 10.98
N ARG B 77 14.19 -7.21 12.06
CA ARG B 77 14.45 -8.50 12.73
C ARG B 77 14.02 -9.64 11.80
N ALA B 78 12.94 -9.49 11.05
CA ALA B 78 12.47 -10.51 10.07
C ALA B 78 13.55 -10.73 9.00
N GLY B 79 14.12 -9.65 8.45
CA GLY B 79 15.25 -9.75 7.50
C GLY B 79 16.45 -10.42 8.14
N LEU B 80 16.85 -9.97 9.34
CA LEU B 80 18.00 -10.54 10.08
C LEU B 80 17.79 -12.05 10.24
N MET B 81 16.61 -12.47 10.70
CA MET B 81 16.36 -13.89 11.07
C MET B 81 16.31 -14.77 9.81
N THR B 82 16.06 -14.21 8.60
CA THR B 82 15.81 -15.02 7.38
C THR B 82 16.89 -14.87 6.31
N GLY B 83 17.71 -13.82 6.35
CA GLY B 83 18.68 -13.53 5.28
C GLY B 83 17.98 -13.13 3.99
N LYS B 84 16.74 -12.66 4.09
CA LYS B 84 15.85 -12.32 2.95
C LYS B 84 15.26 -10.92 3.13
N TYR B 85 15.05 -10.23 2.02
CA TYR B 85 14.17 -9.03 1.99
C TYR B 85 12.81 -9.45 2.54
N GLN B 86 12.45 -8.94 3.70
CA GLN B 86 11.27 -9.39 4.50
C GLN B 86 9.98 -9.06 3.73
N GLN B 87 10.01 -8.05 2.86
CA GLN B 87 8.86 -7.70 1.98
C GLN B 87 8.56 -8.85 1.01
N ARG B 88 9.52 -9.75 0.74
CA ARG B 88 9.26 -10.90 -0.18
C ARG B 88 8.19 -11.80 0.45
N PHE B 89 8.10 -11.85 1.78
CA PHE B 89 7.05 -12.65 2.48
C PHE B 89 6.07 -11.71 3.21
N GLY B 90 5.94 -10.47 2.72
CA GLY B 90 4.86 -9.54 3.12
C GLY B 90 5.03 -8.96 4.52
N TYR B 91 6.23 -9.04 5.11
CA TYR B 91 6.56 -8.46 6.44
C TYR B 91 7.11 -7.04 6.20
N GLU B 92 6.24 -6.12 5.78
CA GLU B 92 6.65 -4.82 5.24
C GLU B 92 6.54 -3.71 6.28
N GLU B 93 5.36 -3.58 6.91
CA GLU B 93 5.09 -2.55 7.93
C GLU B 93 5.31 -3.19 9.29
N ILE B 94 5.62 -2.40 10.31
CA ILE B 94 5.96 -2.95 11.65
C ILE B 94 4.68 -3.55 12.29
N ASN B 95 4.87 -4.67 12.95
CA ASN B 95 3.83 -5.39 13.75
C ASN B 95 3.77 -4.72 15.13
N VAL B 96 2.74 -3.91 15.38
CA VAL B 96 2.51 -3.26 16.68
C VAL B 96 1.06 -3.46 17.09
N PRO B 97 0.77 -4.46 17.96
CA PRO B 97 -0.59 -4.68 18.45
C PRO B 97 -1.18 -3.37 19.02
N GLY B 98 -2.38 -3.02 18.55
CA GLY B 98 -3.17 -1.85 18.96
C GLY B 98 -2.94 -0.64 18.07
N PHE B 99 -1.95 -0.68 17.19
CA PHE B 99 -1.53 0.44 16.30
C PHE B 99 -1.94 0.13 14.86
N MET B 100 -2.60 -1.01 14.65
CA MET B 100 -2.86 -1.52 13.27
C MET B 100 -4.20 -0.99 12.76
N SER B 101 -4.30 -0.79 11.46
CA SER B 101 -5.55 -0.40 10.76
C SER B 101 -6.65 -1.39 11.15
N GLY B 102 -7.86 -0.89 11.40
CA GLY B 102 -9.06 -1.74 11.55
C GLY B 102 -9.27 -2.63 10.34
N ASN B 103 -8.69 -2.28 9.18
CA ASN B 103 -8.78 -3.07 7.92
C ASN B 103 -7.62 -4.06 7.76
N SER B 104 -6.66 -4.09 8.70
CA SER B 104 -5.45 -4.94 8.59
C SER B 104 -5.88 -6.40 8.47
N ALA B 105 -5.26 -7.18 7.59
CA ALA B 105 -5.55 -8.64 7.39
C ALA B 105 -5.25 -9.42 8.67
N LEU B 106 -4.14 -9.10 9.32
CA LEU B 106 -3.69 -9.76 10.57
C LEU B 106 -3.55 -8.68 11.64
N LYS B 107 -3.98 -9.00 12.87
CA LYS B 107 -3.96 -8.07 14.03
C LYS B 107 -3.43 -8.84 15.24
N GLY B 108 -3.12 -8.10 16.31
CA GLY B 108 -2.71 -8.64 17.62
C GLY B 108 -1.70 -9.75 17.45
N ALA B 109 -1.99 -10.90 18.04
CA ALA B 109 -1.08 -12.06 18.16
C ALA B 109 -0.85 -12.72 16.80
N ASP B 110 -1.71 -12.42 15.79
CA ASP B 110 -1.66 -13.14 14.49
C ASP B 110 -0.56 -12.55 13.59
N MET B 111 -0.03 -11.36 13.90
CA MET B 111 1.12 -10.78 13.15
C MET B 111 2.38 -11.50 13.60
N GLY B 112 3.13 -12.07 12.65
CA GLY B 112 4.36 -12.79 13.01
C GLY B 112 5.13 -13.19 11.77
N LEU B 113 6.40 -13.55 11.97
CA LEU B 113 7.26 -14.10 10.91
C LEU B 113 6.55 -15.31 10.32
N PRO B 114 6.15 -15.29 9.03
CA PRO B 114 5.46 -16.43 8.43
C PRO B 114 6.17 -17.75 8.73
N LEU B 115 5.39 -18.79 9.08
CA LEU B 115 5.91 -20.08 9.57
C LEU B 115 6.70 -20.79 8.46
N ASP B 116 6.47 -20.45 7.19
CA ASP B 116 7.18 -21.14 6.07
C ASP B 116 8.57 -20.54 5.90
N GLN B 117 8.97 -19.53 6.68
CA GLN B 117 10.33 -18.96 6.61
C GLN B 117 11.25 -19.77 7.53
N LYS B 118 12.48 -19.99 7.08
CA LYS B 118 13.51 -20.75 7.82
C LYS B 118 14.43 -19.74 8.50
N THR B 119 14.67 -19.88 9.80
CA THR B 119 15.42 -18.85 10.56
C THR B 119 16.90 -19.20 10.66
N MET B 120 17.66 -18.21 11.11
CA MET B 120 19.09 -18.33 11.49
C MET B 120 19.25 -19.46 12.52
N GLY B 121 18.35 -19.53 13.50
CA GLY B 121 18.30 -20.60 14.51
C GLY B 121 18.13 -21.96 13.86
N ASP B 122 17.14 -22.11 12.96
CA ASP B 122 16.89 -23.37 12.22
C ASP B 122 18.17 -23.82 11.48
N TYR B 123 18.85 -22.89 10.80
CA TYR B 123 20.04 -23.22 9.97
C TYR B 123 21.18 -23.72 10.87
N LEU B 124 21.40 -23.08 12.01
CA LEU B 124 22.53 -23.46 12.90
C LEU B 124 22.19 -24.74 13.68
N LYS B 125 20.91 -24.96 13.97
CA LYS B 125 20.39 -26.23 14.54
C LYS B 125 20.74 -27.38 13.59
N GLU B 126 20.60 -27.22 12.29
CA GLU B 126 20.95 -28.25 11.28
C GLU B 126 22.45 -28.58 11.36
N GLN B 127 23.28 -27.62 11.76
CA GLN B 127 24.75 -27.78 11.87
C GLN B 127 25.13 -28.25 13.27
N GLY B 128 24.15 -28.66 14.09
CA GLY B 128 24.38 -29.25 15.42
C GLY B 128 24.63 -28.23 16.52
N TYR B 129 24.25 -26.96 16.34
CA TYR B 129 24.48 -25.90 17.35
C TYR B 129 23.41 -25.96 18.44
N LYS B 130 23.84 -25.66 19.68
CA LYS B 130 22.94 -25.20 20.76
C LYS B 130 22.58 -23.77 20.40
N THR B 131 21.30 -23.39 20.55
CA THR B 131 20.78 -22.06 20.11
C THR B 131 20.00 -21.43 21.27
N ALA B 132 20.22 -20.15 21.54
CA ALA B 132 19.50 -19.39 22.59
C ALA B 132 19.18 -17.99 22.06
N VAL B 133 18.05 -17.44 22.49
CA VAL B 133 17.72 -16.01 22.25
C VAL B 133 17.43 -15.39 23.61
N PHE B 134 18.10 -14.28 23.90
CA PHE B 134 17.87 -13.49 25.14
C PHE B 134 17.38 -12.10 24.75
N GLY B 135 16.26 -11.69 25.35
CA GLY B 135 15.72 -10.32 25.24
C GLY B 135 14.57 -10.23 24.24
N LYS B 136 14.61 -9.20 23.38
CA LYS B 136 13.47 -8.79 22.54
C LYS B 136 13.31 -9.76 21.37
N TRP B 137 12.10 -10.30 21.20
CA TRP B 137 11.77 -11.16 20.03
C TRP B 137 11.16 -10.29 18.90
N HIS B 138 9.90 -9.88 19.06
CA HIS B 138 9.15 -8.96 18.16
C HIS B 138 8.88 -9.59 16.79
N LEU B 139 8.86 -10.92 16.69
CA LEU B 139 8.59 -11.68 15.44
C LEU B 139 7.30 -12.50 15.60
N GLY B 140 6.43 -12.06 16.51
CA GLY B 140 5.05 -12.55 16.66
C GLY B 140 4.73 -12.92 18.10
N ASP B 141 3.51 -12.61 18.57
CA ASP B 141 3.10 -12.83 19.99
C ASP B 141 2.42 -14.19 20.17
N ALA B 142 1.78 -14.77 19.14
CA ALA B 142 1.08 -16.06 19.27
C ALA B 142 2.10 -17.17 19.58
N ASP B 143 1.64 -18.23 20.26
CA ASP B 143 2.46 -19.42 20.61
C ASP B 143 3.20 -19.95 19.37
N ARG B 144 2.56 -20.00 18.20
CA ARG B 144 3.18 -20.63 16.99
C ARG B 144 4.39 -19.82 16.51
N PHE B 145 4.54 -18.55 16.92
CA PHE B 145 5.64 -17.67 16.45
C PHE B 145 6.77 -17.63 17.49
N HIS B 146 6.61 -18.38 18.57
CA HIS B 146 7.54 -18.40 19.73
C HIS B 146 8.94 -18.83 19.30
N PRO B 147 9.99 -18.23 19.87
CA PRO B 147 11.37 -18.62 19.57
C PRO B 147 11.64 -20.13 19.58
N LEU B 148 11.05 -20.88 20.54
CA LEU B 148 11.29 -22.34 20.68
C LEU B 148 10.62 -23.10 19.54
N LYS B 149 9.78 -22.44 18.74
CA LYS B 149 9.20 -23.04 17.51
C LYS B 149 10.03 -22.64 16.29
N ARG B 150 10.97 -21.71 16.43
CA ARG B 150 11.68 -21.10 15.28
C ARG B 150 13.18 -21.38 15.36
N GLY B 151 13.57 -22.51 15.99
CA GLY B 151 14.97 -23.00 15.97
C GLY B 151 15.80 -22.58 17.17
N PHE B 152 15.19 -22.06 18.22
CA PHE B 152 15.91 -21.72 19.47
C PHE B 152 15.57 -22.77 20.53
N ASP B 153 16.60 -23.37 21.15
CA ASP B 153 16.49 -24.32 22.29
C ASP B 153 15.91 -23.63 23.51
N THR B 154 16.35 -22.41 23.75
CA THR B 154 16.10 -21.70 25.01
C THR B 154 15.86 -20.21 24.75
N PHE B 155 15.03 -19.63 25.61
CA PHE B 155 14.58 -18.23 25.53
C PHE B 155 14.51 -17.69 26.95
N LEU B 156 15.08 -16.50 27.17
CA LEU B 156 14.68 -15.61 28.28
C LEU B 156 14.51 -14.22 27.69
N GLY B 157 13.28 -13.72 27.64
CA GLY B 157 13.04 -12.43 26.96
C GLY B 157 11.57 -12.12 26.95
N PHE B 158 11.13 -11.32 25.99
CA PHE B 158 9.73 -10.89 25.86
C PHE B 158 9.36 -10.94 24.39
N ARG B 159 8.12 -11.32 24.12
CA ARG B 159 7.63 -11.58 22.74
C ARG B 159 7.49 -10.28 21.94
N GLY B 160 7.10 -9.16 22.60
CA GLY B 160 6.69 -7.91 21.92
C GLY B 160 7.83 -6.94 21.62
N GLY B 161 7.49 -5.65 21.54
CA GLY B 161 8.34 -4.61 20.96
C GLY B 161 9.05 -3.78 22.00
N ASP B 162 8.51 -3.72 23.22
CA ASP B 162 9.15 -2.90 24.28
C ASP B 162 8.71 -3.38 25.66
N ARG B 163 9.46 -3.02 26.69
CA ARG B 163 9.01 -3.25 28.09
C ARG B 163 9.90 -2.48 29.05
N SER B 164 9.48 -2.41 30.31
CA SER B 164 10.22 -1.74 31.40
C SER B 164 11.54 -2.46 31.65
N TYR B 165 12.55 -1.72 32.09
CA TYR B 165 13.88 -2.28 32.46
C TYR B 165 13.82 -2.80 33.90
N PHE B 166 12.72 -2.58 34.62
CA PHE B 166 12.48 -3.14 35.97
C PHE B 166 11.22 -3.99 35.97
N ASN B 167 11.01 -4.70 37.08
CA ASN B 167 9.89 -5.67 37.24
C ASN B 167 8.55 -4.91 37.19
N TYR B 168 7.57 -5.44 36.46
CA TYR B 168 6.14 -5.05 36.58
C TYR B 168 5.57 -5.74 37.83
N SER B 169 4.70 -5.07 38.58
CA SER B 169 3.93 -5.68 39.70
C SER B 169 2.93 -6.70 39.14
N GLU B 170 2.45 -7.64 39.96
CA GLU B 170 1.42 -8.64 39.54
C GLU B 170 0.19 -7.86 39.05
N GLN B 171 -0.17 -6.80 39.77
CA GLN B 171 -1.38 -6.01 39.44
C GLN B 171 -1.23 -5.37 38.06
N GLU B 172 -0.06 -4.80 37.72
CA GLU B 172 0.16 -4.14 36.41
C GLU B 172 -0.01 -5.16 35.29
N MET B 173 0.47 -6.39 35.49
CA MET B 173 0.41 -7.46 34.46
C MET B 173 -1.05 -7.92 34.33
N LYS B 174 -1.77 -8.09 35.45
CA LYS B 174 -3.22 -8.47 35.46
C LYS B 174 -4.04 -7.41 34.70
N ASN B 175 -3.78 -6.13 34.91
CA ASN B 175 -4.67 -5.02 34.44
C ASN B 175 -4.22 -4.45 33.10
N GLY B 176 -3.17 -5.00 32.46
CA GLY B 176 -2.72 -4.51 31.13
C GLY B 176 -3.78 -4.72 30.06
N ASN B 177 -3.72 -3.99 28.93
CA ASN B 177 -4.64 -4.20 27.78
C ASN B 177 -4.38 -5.61 27.22
N LYS B 178 -5.11 -6.02 26.19
CA LYS B 178 -5.14 -7.43 25.73
C LYS B 178 -3.79 -7.82 25.09
N HIS B 179 -2.92 -6.86 24.78
CA HIS B 179 -1.59 -7.05 24.14
C HIS B 179 -0.46 -7.01 25.18
N PHE B 180 -0.76 -6.60 26.43
CA PHE B 180 0.28 -6.31 27.44
C PHE B 180 1.10 -7.56 27.78
N PHE B 181 0.53 -8.75 27.66
CA PHE B 181 1.20 -10.04 27.98
C PHE B 181 2.52 -10.16 27.19
N ASP B 182 2.62 -9.54 26.02
CA ASP B 182 3.83 -9.68 25.15
C ASP B 182 5.02 -8.93 25.77
N LYS B 183 4.82 -8.19 26.87
CA LYS B 183 5.87 -7.40 27.56
C LYS B 183 6.45 -8.21 28.74
N LYS B 184 5.76 -9.28 29.15
CA LYS B 184 6.14 -10.04 30.38
C LYS B 184 7.45 -10.79 30.11
N LEU B 185 8.39 -10.75 31.04
CA LEU B 185 9.64 -11.53 30.93
C LEU B 185 9.28 -13.01 31.08
N GLU B 186 9.77 -13.82 30.15
CA GLU B 186 9.34 -15.22 29.91
C GLU B 186 10.58 -16.09 29.73
N ARG B 187 10.62 -17.22 30.42
CA ARG B 187 11.62 -18.28 30.15
C ARG B 187 10.94 -19.38 29.33
N ASP B 188 11.57 -19.73 28.21
CA ASP B 188 11.11 -20.81 27.30
C ASP B 188 9.62 -20.57 27.01
N PHE B 189 8.80 -21.62 27.13
CA PHE B 189 7.43 -21.66 26.58
C PHE B 189 6.44 -21.33 27.69
N GLY B 190 6.30 -20.04 28.03
CA GLY B 190 5.26 -19.49 28.92
C GLY B 190 5.56 -19.56 30.42
N ASN B 191 6.84 -19.69 30.83
CA ASN B 191 7.25 -19.70 32.26
C ASN B 191 7.60 -18.27 32.65
N TYR B 192 6.60 -17.50 33.09
CA TYR B 192 6.70 -16.02 33.27
C TYR B 192 7.37 -15.74 34.61
N GLU B 193 8.38 -14.87 34.60
CA GLU B 193 9.02 -14.37 35.84
C GLU B 193 9.66 -13.00 35.56
N GLU B 194 9.30 -11.99 36.35
CA GLU B 194 9.78 -10.61 36.17
C GLU B 194 11.25 -10.51 36.57
N PRO B 195 12.02 -9.57 35.96
CA PRO B 195 13.44 -9.44 36.24
C PRO B 195 13.69 -9.01 37.69
N LYS B 196 14.70 -9.58 38.34
CA LYS B 196 15.01 -9.34 39.78
C LYS B 196 15.95 -8.12 39.88
N GLU B 197 16.53 -7.66 38.77
CA GLU B 197 17.35 -6.42 38.73
C GLU B 197 17.21 -5.77 37.34
N TYR B 198 17.93 -4.67 37.11
CA TYR B 198 17.94 -3.94 35.82
C TYR B 198 18.02 -4.95 34.67
N LEU B 199 17.08 -4.89 33.74
CA LEU B 199 16.89 -5.95 32.71
C LEU B 199 18.15 -6.11 31.85
N THR B 200 18.85 -5.03 31.53
CA THR B 200 20.07 -5.10 30.68
C THR B 200 21.10 -6.03 31.35
N ASP B 201 21.28 -5.91 32.65
CA ASP B 201 22.21 -6.77 33.42
C ASP B 201 21.68 -8.22 33.43
N VAL B 202 20.38 -8.43 33.61
CA VAL B 202 19.76 -9.78 33.61
C VAL B 202 20.11 -10.46 32.29
N LEU B 203 19.89 -9.78 31.15
CA LEU B 203 20.06 -10.39 29.82
C LEU B 203 21.54 -10.75 29.60
N GLY B 204 22.47 -9.84 29.92
CA GLY B 204 23.92 -10.11 29.82
C GLY B 204 24.34 -11.27 30.71
N LYS B 205 23.92 -11.28 31.98
CA LYS B 205 24.29 -12.37 32.92
C LYS B 205 23.73 -13.71 32.43
N GLU B 206 22.50 -13.73 31.91
CA GLU B 206 21.91 -14.98 31.37
C GLU B 206 22.74 -15.49 30.19
N ALA B 207 23.14 -14.62 29.27
CA ALA B 207 23.94 -15.01 28.10
C ALA B 207 25.27 -15.60 28.58
N ALA B 208 25.91 -14.98 29.57
CA ALA B 208 27.19 -15.44 30.15
C ALA B 208 26.99 -16.82 30.79
N LYS B 209 25.91 -17.04 31.55
CA LYS B 209 25.58 -18.36 32.16
C LYS B 209 25.44 -19.39 31.05
N TYR B 210 24.77 -19.06 29.94
CA TYR B 210 24.55 -20.01 28.83
C TYR B 210 25.91 -20.37 28.20
N ILE B 211 26.82 -19.41 28.04
CA ILE B 211 28.19 -19.67 27.53
C ILE B 211 28.87 -20.71 28.42
N GLU B 212 28.85 -20.47 29.73
CA GLU B 212 29.44 -21.36 30.78
C GLU B 212 28.88 -22.78 30.63
N GLN B 213 27.55 -22.89 30.51
CA GLN B 213 26.81 -24.17 30.42
C GLN B 213 27.18 -24.91 29.12
N ASN B 214 27.56 -24.21 28.05
CA ASN B 214 27.72 -24.83 26.71
C ASN B 214 29.17 -24.66 26.21
N LYS B 215 30.14 -24.52 27.11
CA LYS B 215 31.53 -24.13 26.76
C LYS B 215 32.23 -25.23 25.96
N ASP B 216 31.71 -26.46 25.95
CA ASP B 216 32.36 -27.65 25.34
C ASP B 216 31.74 -27.97 23.97
N GLU B 217 30.75 -27.20 23.53
CA GLU B 217 29.94 -27.55 22.32
C GLU B 217 29.69 -26.28 21.51
N PRO B 218 29.57 -26.35 20.18
CA PRO B 218 29.26 -25.15 19.39
C PRO B 218 27.90 -24.58 19.82
N PHE B 219 27.87 -23.28 20.10
CA PHE B 219 26.62 -22.59 20.47
C PHE B 219 26.46 -21.30 19.66
N PHE B 220 25.20 -20.92 19.50
CA PHE B 220 24.73 -19.66 18.89
C PHE B 220 23.85 -18.94 19.90
N ILE B 221 24.23 -17.72 20.24
CA ILE B 221 23.41 -16.81 21.11
C ILE B 221 22.96 -15.62 20.27
N TYR B 222 21.66 -15.35 20.26
CA TYR B 222 21.05 -14.11 19.76
C TYR B 222 20.71 -13.26 20.99
N LEU B 223 21.57 -12.29 21.31
CA LEU B 223 21.40 -11.40 22.48
C LEU B 223 20.78 -10.09 22.01
N ALA B 224 19.45 -10.04 22.03
CA ALA B 224 18.61 -8.93 21.52
C ALA B 224 18.22 -8.05 22.71
N PHE B 225 19.13 -7.18 23.11
CA PHE B 225 18.92 -6.23 24.23
C PHE B 225 17.72 -5.34 23.87
N ASN B 226 16.93 -4.93 24.85
CA ASN B 226 15.94 -3.84 24.59
C ASN B 226 16.67 -2.50 24.73
N ALA B 227 17.81 -2.46 25.43
CA ALA B 227 18.66 -1.24 25.47
C ALA B 227 18.97 -0.86 24.03
N VAL B 228 18.82 0.41 23.63
CA VAL B 228 18.53 1.59 24.44
C VAL B 228 17.15 2.16 24.04
N HIS B 229 16.20 1.26 23.82
CA HIS B 229 14.77 1.58 23.53
C HIS B 229 14.14 2.22 24.77
N THR B 230 13.19 3.12 24.57
CA THR B 230 12.25 3.56 25.64
C THR B 230 11.61 2.33 26.28
N PRO B 231 11.13 2.41 27.53
CA PRO B 231 11.15 3.65 28.34
C PRO B 231 12.54 4.03 28.87
N LEU B 232 12.75 5.32 29.14
CA LEU B 232 14.08 5.83 29.58
C LEU B 232 14.25 5.51 31.07
N GLU B 233 14.74 4.30 31.35
CA GLU B 233 14.97 3.81 32.74
C GLU B 233 16.39 3.29 32.81
N SER B 234 17.11 3.66 33.86
CA SER B 234 18.53 3.27 34.05
C SER B 234 18.79 2.91 35.51
N ASP B 235 19.86 2.14 35.72
CA ASP B 235 20.54 1.94 37.03
C ASP B 235 20.99 3.30 37.54
N PRO B 236 20.57 3.74 38.74
CA PRO B 236 21.06 4.99 39.34
C PRO B 236 22.59 5.15 39.35
N LYS B 237 23.33 4.07 39.48
CA LYS B 237 24.81 4.06 39.50
C LYS B 237 25.34 4.43 38.10
N ASP B 238 24.59 4.08 37.06
CA ASP B 238 24.92 4.45 35.65
C ASP B 238 24.61 5.93 35.43
N LEU B 239 23.44 6.42 35.89
CA LEU B 239 23.07 7.86 35.86
C LEU B 239 24.16 8.70 36.55
N ALA B 240 24.72 8.22 37.66
CA ALA B 240 25.77 8.92 38.45
C ALA B 240 27.03 9.15 37.61
N LYS B 241 27.28 8.33 36.58
CA LYS B 241 28.50 8.44 35.74
C LYS B 241 28.37 9.58 34.74
N PHE B 242 27.22 10.26 34.69
CA PHE B 242 26.94 11.38 33.75
C PHE B 242 26.38 12.59 34.50
N PRO B 243 27.12 13.14 35.49
CA PRO B 243 26.62 14.24 36.32
C PRO B 243 26.37 15.53 35.53
N ASN B 244 27.01 15.71 34.37
CA ASN B 244 26.93 16.97 33.59
C ASN B 244 25.90 16.86 32.46
N LEU B 245 25.23 15.71 32.27
CA LEU B 245 24.14 15.56 31.27
C LEU B 245 22.79 15.72 31.99
N THR B 246 21.76 16.14 31.28
CA THR B 246 20.39 16.29 31.83
C THR B 246 19.36 15.54 30.97
N GLY B 247 18.19 15.30 31.56
CA GLY B 247 16.98 14.86 30.85
C GLY B 247 17.19 13.56 30.11
N LYS B 248 16.69 13.50 28.87
CA LYS B 248 16.66 12.25 28.08
C LYS B 248 18.09 11.81 27.76
N ARG B 249 18.97 12.75 27.41
CA ARG B 249 20.37 12.43 27.00
C ARG B 249 21.11 11.78 28.16
N LYS B 250 20.86 12.21 29.41
CA LYS B 250 21.48 11.59 30.61
C LYS B 250 21.04 10.12 30.71
N GLU B 251 19.74 9.85 30.54
CA GLU B 251 19.18 8.47 30.60
C GLU B 251 19.81 7.63 29.49
N LEU B 252 19.89 8.17 28.28
CA LEU B 252 20.47 7.45 27.11
C LEU B 252 21.93 7.08 27.39
N ALA B 253 22.72 8.04 27.90
CA ALA B 253 24.11 7.83 28.34
C ALA B 253 24.19 6.66 29.32
N ALA B 254 23.33 6.67 30.34
CA ALA B 254 23.31 5.65 31.41
C ALA B 254 22.90 4.29 30.82
N MET B 255 21.86 4.28 29.99
CA MET B 255 21.33 3.05 29.37
C MET B 255 22.40 2.45 28.44
N THR B 256 23.19 3.31 27.77
CA THR B 256 24.28 2.90 26.86
C THR B 256 25.41 2.28 27.69
N LEU B 257 25.73 2.85 28.85
CA LEU B 257 26.80 2.32 29.75
C LEU B 257 26.36 0.94 30.21
N GLY B 258 25.08 0.77 30.54
CA GLY B 258 24.50 -0.54 30.91
C GLY B 258 24.62 -1.57 29.80
N LEU B 259 24.23 -1.21 28.57
CA LEU B 259 24.36 -2.06 27.37
C LEU B 259 25.82 -2.51 27.22
N ASP B 260 26.76 -1.60 27.41
CA ASP B 260 28.21 -1.88 27.28
C ASP B 260 28.67 -2.83 28.40
N ARG B 261 28.30 -2.56 29.66
CA ARG B 261 28.66 -3.47 30.80
C ARG B 261 28.07 -4.86 30.54
N ALA B 262 26.80 -4.95 30.16
CA ALA B 262 26.12 -6.26 29.97
C ALA B 262 26.79 -7.02 28.82
N SER B 263 27.15 -6.33 27.73
CA SER B 263 27.94 -6.91 26.62
C SER B 263 29.27 -7.42 27.18
N GLY B 264 29.87 -6.67 28.11
CA GLY B 264 31.12 -6.99 28.82
C GLY B 264 31.06 -8.33 29.54
N TYR B 265 29.94 -8.66 30.20
CA TYR B 265 29.76 -9.95 30.90
C TYR B 265 30.02 -11.09 29.91
N VAL B 266 29.49 -10.93 28.70
CA VAL B 266 29.55 -11.96 27.62
C VAL B 266 30.98 -12.01 27.06
N LEU B 267 31.54 -10.87 26.69
CA LEU B 267 32.91 -10.80 26.10
C LEU B 267 33.94 -11.30 27.12
N ASP B 268 33.80 -10.91 28.39
CA ASP B 268 34.71 -11.32 29.50
C ASP B 268 34.57 -12.82 29.75
N LYS B 269 33.37 -13.38 29.69
CA LYS B 269 33.16 -14.84 29.90
C LYS B 269 33.86 -15.62 28.78
N LEU B 270 33.78 -15.15 27.53
CA LEU B 270 34.45 -15.85 26.40
C LEU B 270 35.95 -15.88 26.67
N LYS B 271 36.54 -14.75 27.10
CA LYS B 271 38.00 -14.62 27.35
C LYS B 271 38.36 -15.51 28.53
N GLU B 272 37.63 -15.41 29.64
CA GLU B 272 37.83 -16.22 30.87
C GLU B 272 37.88 -17.71 30.51
N LEU B 273 37.03 -18.19 29.60
CA LEU B 273 36.93 -19.64 29.30
C LEU B 273 37.83 -20.05 28.13
N GLY B 274 38.66 -19.13 27.60
CA GLY B 274 39.57 -19.37 26.45
C GLY B 274 38.84 -19.67 25.15
N LEU B 275 37.65 -19.08 24.91
CA LEU B 275 36.80 -19.38 23.72
C LEU B 275 36.95 -18.26 22.67
N ASP B 276 37.78 -17.25 22.92
CA ASP B 276 37.95 -16.05 22.06
C ASP B 276 38.32 -16.46 20.63
N ASP B 277 39.27 -17.39 20.48
CA ASP B 277 39.85 -17.74 19.16
C ASP B 277 38.84 -18.56 18.36
N ASN B 278 37.89 -19.25 19.00
CA ASN B 278 36.91 -20.07 18.26
C ASN B 278 35.49 -19.48 18.39
N THR B 279 35.34 -18.16 18.52
CA THR B 279 34.01 -17.51 18.63
C THR B 279 33.93 -16.30 17.70
N ILE B 280 32.90 -16.29 16.85
CA ILE B 280 32.50 -15.10 16.04
C ILE B 280 31.57 -14.25 16.90
N VAL B 281 31.93 -13.00 17.16
CA VAL B 281 31.08 -12.03 17.88
C VAL B 281 30.68 -10.96 16.89
N VAL B 282 29.37 -10.69 16.80
CA VAL B 282 28.81 -9.60 15.97
C VAL B 282 28.12 -8.62 16.91
N PHE B 283 28.38 -7.33 16.73
CA PHE B 283 27.56 -6.26 17.34
C PHE B 283 26.88 -5.47 16.22
N SER B 284 25.57 -5.32 16.34
CA SER B 284 24.80 -4.38 15.50
C SER B 284 23.58 -3.90 16.28
N ASN B 285 22.64 -3.32 15.55
CA ASN B 285 21.59 -2.44 16.09
C ASN B 285 20.39 -2.57 15.14
N ASP B 286 19.16 -2.59 15.65
CA ASP B 286 17.97 -3.04 14.88
C ASP B 286 17.55 -1.98 13.84
N ASN B 287 17.83 -0.70 14.08
CA ASN B 287 17.39 0.43 13.22
C ASN B 287 18.06 1.71 13.72
N GLY B 288 18.03 2.77 12.91
CA GLY B 288 18.58 4.08 13.28
C GLY B 288 17.96 4.62 14.55
N GLY B 289 18.64 5.58 15.18
CA GLY B 289 18.22 6.13 16.48
C GLY B 289 16.99 7.01 16.35
N PRO B 290 15.95 6.80 17.20
CA PRO B 290 14.79 7.69 17.25
C PRO B 290 15.12 8.89 18.15
N SER B 291 15.80 9.86 17.57
CA SER B 291 16.43 10.99 18.30
C SER B 291 15.40 11.73 19.15
N ASP B 292 14.13 11.80 18.74
CA ASP B 292 13.08 12.52 19.51
C ASP B 292 12.66 11.69 20.73
N LYS B 293 12.87 10.37 20.74
CA LYS B 293 12.29 9.46 21.76
C LYS B 293 13.34 9.12 22.83
N ASN B 294 14.56 8.78 22.43
CA ASN B 294 15.57 8.31 23.43
C ASN B 294 16.83 9.19 23.39
N ALA B 295 16.79 10.35 22.72
CA ALA B 295 17.87 11.35 22.58
C ALA B 295 19.09 10.74 21.89
N SER B 296 18.89 9.67 21.13
CA SER B 296 19.96 9.02 20.32
C SER B 296 20.44 10.01 19.25
N ASN B 297 21.72 9.91 18.91
CA ASN B 297 22.42 10.82 17.96
C ASN B 297 23.01 9.98 16.83
N ASN B 298 22.57 10.23 15.59
CA ASN B 298 22.97 9.44 14.39
C ASN B 298 24.12 10.13 13.63
N ALA B 299 24.86 11.02 14.28
CA ALA B 299 26.01 11.74 13.67
C ALA B 299 26.94 10.77 12.95
N PRO B 300 27.43 11.11 11.75
CA PRO B 300 27.14 12.37 11.07
C PRO B 300 25.96 12.34 10.09
N LEU B 301 25.01 11.41 10.28
CA LEU B 301 23.93 11.10 9.30
C LEU B 301 22.71 12.00 9.54
N ALA B 302 21.94 12.24 8.49
CA ALA B 302 20.60 12.84 8.55
C ALA B 302 19.58 11.75 8.87
N GLY B 303 18.49 12.10 9.52
CA GLY B 303 17.35 11.20 9.70
C GLY B 303 17.49 10.34 10.94
N THR B 304 16.61 9.35 11.05
CA THR B 304 16.30 8.62 12.29
C THR B 304 15.57 7.32 11.94
N LYS B 305 15.33 6.52 12.97
CA LYS B 305 14.30 5.45 13.01
C LYS B 305 13.08 5.85 12.18
N SER B 306 12.56 4.91 11.39
CA SER B 306 11.26 4.92 10.65
C SER B 306 11.32 5.78 9.38
N ASN B 307 12.48 6.35 9.01
CA ASN B 307 12.67 6.98 7.67
C ASN B 307 13.89 6.33 7.02
N GLN B 308 14.09 6.55 5.72
CA GLN B 308 15.06 5.75 4.92
C GLN B 308 16.26 6.61 4.54
N LEU B 309 16.41 7.77 5.15
CA LEU B 309 17.70 8.49 5.18
C LEU B 309 18.71 7.58 5.87
N GLU B 310 20.00 7.84 5.68
CA GLU B 310 21.10 6.99 6.22
C GLU B 310 20.92 6.82 7.74
N GLY B 311 20.42 7.84 8.43
CA GLY B 311 20.26 7.83 9.90
C GLY B 311 19.25 6.79 10.37
N GLY B 312 18.39 6.30 9.47
CA GLY B 312 17.39 5.25 9.78
C GLY B 312 17.89 3.84 9.47
N ILE B 313 18.77 3.68 8.47
CA ILE B 313 19.06 2.33 7.88
C ILE B 313 20.54 1.94 8.08
N ARG B 314 21.44 2.91 8.25
CA ARG B 314 22.87 2.62 8.52
C ARG B 314 23.07 2.49 10.03
N VAL B 315 23.78 1.45 10.45
CA VAL B 315 23.93 1.13 11.90
C VAL B 315 25.37 0.76 12.22
N PRO B 316 25.77 0.91 13.49
CA PRO B 316 27.01 0.33 13.98
C PRO B 316 26.99 -1.17 13.67
N PHE B 317 28.12 -1.71 13.26
CA PHE B 317 28.23 -3.08 12.69
C PHE B 317 29.69 -3.55 12.85
N LEU B 318 29.93 -4.48 13.77
CA LEU B 318 31.25 -5.07 14.10
C LEU B 318 31.20 -6.58 13.92
N ILE B 319 32.28 -7.16 13.43
CA ILE B 319 32.49 -8.64 13.40
C ILE B 319 33.90 -8.89 13.91
N SER B 320 33.98 -9.70 14.96
CA SER B 320 35.25 -10.13 15.59
C SER B 320 35.34 -11.66 15.47
N TRP B 321 36.48 -12.13 14.98
CA TRP B 321 36.84 -13.55 14.99
C TRP B 321 38.36 -13.63 15.07
N PRO B 322 38.92 -13.54 16.30
CA PRO B 322 40.37 -13.52 16.48
C PRO B 322 41.05 -14.69 15.76
N LYS B 323 42.17 -14.41 15.10
CA LYS B 323 42.99 -15.34 14.29
C LYS B 323 42.34 -15.59 12.91
N HIS B 324 41.23 -14.92 12.59
CA HIS B 324 40.52 -15.09 11.28
C HIS B 324 40.27 -13.74 10.64
N ILE B 325 39.94 -12.73 11.46
CA ILE B 325 39.72 -11.33 11.00
C ILE B 325 40.76 -10.44 11.68
N LYS B 326 41.48 -9.65 10.88
CA LYS B 326 42.53 -8.70 11.30
C LYS B 326 41.96 -7.72 12.33
N PRO B 327 42.54 -7.64 13.54
CA PRO B 327 42.11 -6.66 14.53
C PRO B 327 42.33 -5.24 14.01
N GLY B 328 41.45 -4.32 14.39
CA GLY B 328 41.57 -2.88 14.14
C GLY B 328 41.33 -2.53 12.69
N SER B 329 40.74 -3.41 11.90
CA SER B 329 40.54 -3.17 10.44
C SER B 329 39.16 -2.53 10.22
N THR B 330 38.96 -1.94 9.04
CA THR B 330 37.66 -1.39 8.60
C THR B 330 37.33 -2.00 7.25
N TYR B 331 36.05 -2.18 6.97
CA TYR B 331 35.52 -2.63 5.66
C TYR B 331 34.49 -1.60 5.21
N ASP B 332 34.61 -1.08 4.00
CA ASP B 332 33.95 0.20 3.62
C ASP B 332 32.93 0.03 2.49
N TYR B 333 32.82 -1.15 1.88
CA TYR B 333 31.70 -1.42 0.94
C TYR B 333 30.45 -1.73 1.75
N PRO B 334 29.26 -1.35 1.23
CA PRO B 334 28.00 -1.66 1.89
C PRO B 334 27.82 -3.15 2.22
N VAL B 335 27.40 -3.43 3.45
CA VAL B 335 26.96 -4.78 3.90
C VAL B 335 25.62 -4.62 4.63
N SER B 336 24.98 -5.76 4.89
CA SER B 336 23.58 -5.86 5.35
C SER B 336 23.48 -6.91 6.47
N THR B 337 22.60 -6.66 7.44
CA THR B 337 22.14 -7.68 8.41
C THR B 337 21.67 -8.91 7.64
N LEU B 338 21.16 -8.76 6.41
CA LEU B 338 20.74 -9.91 5.55
C LEU B 338 21.92 -10.85 5.33
N ASP B 339 23.15 -10.34 5.41
CA ASP B 339 24.38 -11.12 5.14
C ASP B 339 24.70 -12.04 6.32
N LEU B 340 24.16 -11.78 7.51
CA LEU B 340 24.63 -12.50 8.73
C LEU B 340 24.25 -13.97 8.65
N LEU B 341 23.04 -14.33 8.20
CA LEU B 341 22.61 -15.75 8.14
C LEU B 341 23.59 -16.55 7.28
N PRO B 342 23.84 -16.18 6.00
CA PRO B 342 24.78 -16.96 5.18
C PRO B 342 26.21 -16.95 5.75
N THR B 343 26.65 -15.85 6.35
CA THR B 343 28.00 -15.74 6.97
C THR B 343 28.11 -16.78 8.08
N PHE B 344 27.13 -16.79 9.00
CA PHE B 344 27.07 -17.72 10.15
C PHE B 344 27.00 -19.16 9.64
N TYR B 345 26.13 -19.42 8.66
CA TYR B 345 25.86 -20.80 8.20
C TYR B 345 27.14 -21.37 7.57
N SER B 346 27.85 -20.55 6.78
CA SER B 346 29.12 -20.96 6.14
C SER B 346 30.20 -21.23 7.20
N ALA B 347 30.32 -20.37 8.21
CA ALA B 347 31.26 -20.57 9.34
C ALA B 347 30.92 -21.89 10.05
N ALA B 348 29.64 -22.25 10.11
CA ALA B 348 29.12 -23.46 10.77
C ALA B 348 29.27 -24.70 9.86
N LYS B 349 29.95 -24.54 8.72
CA LYS B 349 30.30 -25.61 7.76
C LYS B 349 29.05 -26.05 7.00
N GLY B 350 28.02 -25.19 6.91
CA GLY B 350 26.78 -25.51 6.20
C GLY B 350 27.00 -25.56 4.70
N LYS B 351 26.44 -26.57 4.03
CA LYS B 351 26.64 -26.78 2.58
C LYS B 351 25.28 -26.80 1.85
N ALA B 352 24.16 -26.55 2.55
CA ALA B 352 22.79 -26.59 1.97
C ALA B 352 22.04 -25.29 2.23
N LEU B 353 22.61 -24.14 1.87
CA LEU B 353 21.92 -22.84 1.97
C LEU B 353 20.71 -22.86 1.02
N GLY B 354 19.57 -22.28 1.42
CA GLY B 354 18.39 -22.15 0.54
C GLY B 354 18.72 -21.33 -0.70
N SER B 355 17.99 -21.50 -1.80
CA SER B 355 18.20 -20.77 -3.08
C SER B 355 17.57 -19.37 -3.00
N ASP B 356 16.94 -19.03 -1.88
CA ASP B 356 16.08 -17.82 -1.75
C ASP B 356 16.77 -16.74 -0.89
N ILE B 357 18.06 -16.89 -0.56
CA ILE B 357 18.78 -15.98 0.40
C ILE B 357 19.26 -14.75 -0.35
N ASP B 358 18.96 -13.56 0.16
CA ASP B 358 19.38 -12.26 -0.43
C ASP B 358 20.75 -11.83 0.11
N GLY B 359 21.11 -12.28 1.32
CA GLY B 359 22.42 -11.97 1.90
C GLY B 359 23.53 -12.75 1.22
N VAL B 360 24.78 -12.37 1.48
CA VAL B 360 25.98 -13.14 1.05
C VAL B 360 26.88 -13.39 2.26
N ASP B 361 27.65 -14.48 2.21
CA ASP B 361 28.73 -14.80 3.17
C ASP B 361 29.78 -13.70 3.07
N LEU B 362 29.97 -12.91 4.13
CA LEU B 362 30.90 -11.75 4.15
C LEU B 362 32.36 -12.19 4.32
N LEU B 363 32.63 -13.39 4.82
CA LEU B 363 34.03 -13.77 5.21
C LEU B 363 34.99 -13.62 4.02
N PRO B 364 34.69 -14.17 2.82
CA PRO B 364 35.57 -13.98 1.66
C PRO B 364 35.84 -12.50 1.34
N TYR B 365 34.85 -11.63 1.56
CA TYR B 365 34.94 -10.17 1.31
C TYR B 365 35.86 -9.55 2.36
N ILE B 366 35.60 -9.85 3.65
CA ILE B 366 36.40 -9.32 4.78
C ILE B 366 37.88 -9.69 4.56
N GLN B 367 38.16 -10.92 4.14
CA GLN B 367 39.55 -11.45 4.06
C GLN B 367 40.22 -11.10 2.72
N GLY B 368 39.48 -10.51 1.76
CA GLY B 368 40.04 -10.11 0.47
C GLY B 368 40.13 -11.26 -0.53
N GLU B 369 39.50 -12.40 -0.23
CA GLU B 369 39.31 -13.49 -1.22
C GLU B 369 38.35 -13.01 -2.33
N ASN B 370 37.48 -12.05 -2.03
CA ASN B 370 36.54 -11.42 -3.00
C ASN B 370 36.60 -9.91 -2.75
N THR B 371 37.16 -9.14 -3.70
CA THR B 371 37.39 -7.68 -3.59
C THR B 371 36.21 -6.90 -4.18
N ALA B 372 35.24 -7.60 -4.74
CA ALA B 372 34.03 -6.97 -5.33
C ALA B 372 33.13 -6.45 -4.21
N ARG B 373 32.17 -5.61 -4.58
CA ARG B 373 31.06 -5.22 -3.67
C ARG B 373 30.25 -6.46 -3.31
N PRO B 374 30.01 -6.71 -2.02
CA PRO B 374 29.05 -7.74 -1.63
C PRO B 374 27.64 -7.46 -2.19
N HIS B 375 27.26 -6.19 -2.31
CA HIS B 375 25.94 -5.74 -2.86
C HIS B 375 26.13 -4.51 -3.76
N LYS B 376 26.05 -4.71 -5.08
CA LYS B 376 25.99 -3.59 -6.05
C LYS B 376 24.66 -2.85 -5.84
N VAL B 377 23.58 -3.58 -5.60
CA VAL B 377 22.21 -3.01 -5.49
C VAL B 377 21.62 -3.40 -4.14
N MET B 378 21.00 -2.42 -3.47
CA MET B 378 20.30 -2.61 -2.18
C MET B 378 19.00 -1.81 -2.22
N TYR B 379 18.00 -2.29 -1.49
CA TYR B 379 16.62 -1.76 -1.53
C TYR B 379 16.07 -1.63 -0.10
N TRP B 380 15.18 -0.64 0.08
CA TRP B 380 14.33 -0.45 1.28
C TRP B 380 12.94 -0.08 0.81
N LYS B 381 11.90 -0.49 1.55
CA LYS B 381 10.49 -0.21 1.18
C LYS B 381 9.59 -0.32 2.39
N LYS B 382 8.82 0.73 2.62
CA LYS B 382 7.61 0.78 3.49
C LYS B 382 6.55 1.56 2.73
N GLU B 383 5.59 0.87 2.12
CA GLU B 383 4.46 1.49 1.37
C GLU B 383 5.04 2.31 0.20
N ASN B 384 4.75 3.61 0.15
CA ASN B 384 5.19 4.56 -0.90
C ASN B 384 6.65 4.99 -0.66
N ARG B 385 7.15 4.88 0.57
CA ARG B 385 8.56 5.25 0.88
C ARG B 385 9.48 4.08 0.50
N ALA B 386 10.42 4.32 -0.41
CA ALA B 386 11.35 3.26 -0.86
C ALA B 386 12.68 3.87 -1.26
N VAL B 387 13.71 3.02 -1.30
CA VAL B 387 15.08 3.41 -1.71
C VAL B 387 15.62 2.33 -2.64
N ILE B 388 16.28 2.77 -3.71
CA ILE B 388 17.24 1.89 -4.42
C ILE B 388 18.61 2.55 -4.32
N ARG B 389 19.61 1.76 -3.93
CA ARG B 389 21.04 2.15 -3.96
C ARG B 389 21.75 1.30 -5.02
N ASP B 390 22.37 1.98 -5.99
CA ASP B 390 23.16 1.36 -7.09
C ASP B 390 24.59 1.86 -6.93
N ASN B 391 25.50 0.98 -6.52
CA ASN B 391 26.87 1.38 -6.10
C ASN B 391 26.73 2.45 -5.01
N ASP B 392 27.11 3.70 -5.27
CA ASP B 392 27.03 4.78 -4.25
C ASP B 392 25.91 5.77 -4.56
N TRP B 393 25.15 5.53 -5.62
CA TRP B 393 23.97 6.36 -5.95
C TRP B 393 22.78 5.87 -5.11
N LYS B 394 22.07 6.79 -4.45
CA LYS B 394 20.87 6.48 -3.64
C LYS B 394 19.70 7.34 -4.12
N LEU B 395 18.68 6.68 -4.65
CA LEU B 395 17.38 7.30 -5.01
C LEU B 395 16.40 7.04 -3.87
N ILE B 396 15.78 8.09 -3.35
CA ILE B 396 14.76 8.02 -2.26
C ILE B 396 13.41 8.49 -2.81
N ARG B 397 12.43 7.59 -2.79
CA ARG B 397 11.02 7.90 -3.18
C ARG B 397 10.22 8.17 -1.91
N TYR B 398 9.34 9.17 -1.99
CA TYR B 398 8.47 9.65 -0.90
C TYR B 398 7.03 9.80 -1.41
N PRO B 399 6.02 9.81 -0.52
CA PRO B 399 4.64 10.05 -0.95
C PRO B 399 4.34 11.54 -1.16
N ASP B 400 5.11 12.43 -0.52
CA ASP B 400 4.75 13.86 -0.32
C ASP B 400 5.77 14.81 -0.93
N ARG B 401 6.72 14.33 -1.73
CA ARG B 401 7.75 15.21 -2.33
C ARG B 401 8.45 14.47 -3.45
N PRO B 402 9.05 15.19 -4.42
CA PRO B 402 9.75 14.56 -5.53
C PRO B 402 10.89 13.66 -5.02
N ALA B 403 11.12 12.56 -5.73
CA ALA B 403 12.23 11.64 -5.43
C ALA B 403 13.54 12.43 -5.42
N GLU B 404 14.44 12.07 -4.52
CA GLU B 404 15.77 12.71 -4.34
C GLU B 404 16.84 11.70 -4.69
N LEU B 405 17.96 12.18 -5.23
CA LEU B 405 19.14 11.37 -5.64
C LEU B 405 20.39 11.90 -4.92
N TYR B 406 21.13 11.02 -4.25
CA TYR B 406 22.36 11.35 -3.49
C TYR B 406 23.51 10.50 -4.02
N ASP B 407 24.66 11.15 -4.16
CA ASP B 407 25.97 10.47 -4.28
C ASP B 407 26.54 10.28 -2.87
N LEU B 408 26.40 9.08 -2.30
CA LEU B 408 26.85 8.77 -0.93
C LEU B 408 28.38 8.81 -0.84
N SER B 409 29.11 8.72 -1.95
CA SER B 409 30.59 8.78 -1.95
C SER B 409 31.07 10.23 -1.76
N SER B 410 30.23 11.24 -1.99
CA SER B 410 30.60 12.66 -1.74
C SER B 410 29.65 13.35 -0.74
N ASP B 411 28.55 12.71 -0.32
CA ASP B 411 27.44 13.38 0.40
C ASP B 411 26.78 12.40 1.36
N ILE B 412 27.52 11.97 2.38
CA ILE B 412 27.07 10.99 3.41
C ILE B 412 25.82 11.53 4.11
N SER B 413 25.66 12.85 4.20
CA SER B 413 24.59 13.49 5.03
C SER B 413 23.34 13.84 4.20
N GLU B 414 23.33 13.48 2.91
CA GLU B 414 22.15 13.58 2.02
C GLU B 414 21.62 15.02 2.01
N GLN B 415 22.48 16.01 1.77
CA GLN B 415 22.10 17.45 1.76
C GLN B 415 22.10 18.01 0.33
N THR B 416 22.71 17.34 -0.66
CA THR B 416 22.78 17.83 -2.05
C THR B 416 21.99 16.92 -3.00
N ASP B 417 20.72 17.26 -3.23
CA ASP B 417 19.81 16.54 -4.15
C ASP B 417 20.30 16.74 -5.58
N LEU B 418 20.60 15.66 -6.30
CA LEU B 418 21.18 15.68 -7.67
C LEU B 418 20.13 15.23 -8.69
N ALA B 419 18.87 15.09 -8.29
CA ALA B 419 17.78 14.56 -9.15
C ALA B 419 17.64 15.44 -10.40
N ALA B 420 17.55 16.76 -10.22
CA ALA B 420 17.42 17.73 -11.35
C ALA B 420 18.65 17.64 -12.27
N LYS B 421 19.85 17.48 -11.71
CA LYS B 421 21.12 17.45 -12.49
C LYS B 421 21.26 16.14 -13.24
N ASN B 422 20.61 15.05 -12.79
CA ASN B 422 20.83 13.69 -13.36
C ASN B 422 19.49 13.02 -13.66
N PRO B 423 18.65 13.60 -14.55
CA PRO B 423 17.29 13.09 -14.75
C PRO B 423 17.26 11.67 -15.35
N GLU B 424 18.24 11.29 -16.18
CA GLU B 424 18.23 9.95 -16.82
C GLU B 424 18.57 8.89 -15.78
N ARG B 425 19.51 9.17 -14.87
CA ARG B 425 19.87 8.23 -13.77
C ARG B 425 18.62 8.03 -12.88
N VAL B 426 17.92 9.12 -12.52
CA VAL B 426 16.68 9.07 -11.70
C VAL B 426 15.67 8.13 -12.37
N LYS B 427 15.46 8.26 -13.68
CA LYS B 427 14.48 7.44 -14.44
C LYS B 427 14.90 5.97 -14.41
N THR B 428 16.17 5.69 -14.69
CA THR B 428 16.77 4.32 -14.69
C THR B 428 16.62 3.67 -13.32
N MET B 429 16.98 4.37 -12.25
CA MET B 429 16.89 3.81 -10.88
C MET B 429 15.42 3.60 -10.49
N PHE B 430 14.52 4.53 -10.83
CA PHE B 430 13.06 4.38 -10.64
C PHE B 430 12.58 3.06 -11.23
N LYS B 431 12.94 2.76 -12.50
CA LYS B 431 12.49 1.52 -13.19
C LYS B 431 13.05 0.29 -12.45
N SER B 432 14.33 0.32 -12.05
CA SER B 432 14.99 -0.79 -11.32
C SER B 432 14.30 -0.98 -9.96
N LEU B 433 13.96 0.11 -9.27
CA LEU B 433 13.25 0.03 -7.97
C LEU B 433 11.94 -0.71 -8.17
N PHE B 434 11.14 -0.30 -9.16
CA PHE B 434 9.81 -0.89 -9.41
C PHE B 434 9.94 -2.37 -9.82
N GLU B 435 10.96 -2.74 -10.58
CA GLU B 435 11.21 -4.15 -10.98
C GLU B 435 11.41 -5.00 -9.72
N TRP B 436 12.14 -4.49 -8.72
CA TRP B 436 12.32 -5.20 -7.43
C TRP B 436 10.98 -5.26 -6.67
N GLU B 437 10.24 -4.16 -6.63
CA GLU B 437 8.91 -4.12 -5.96
C GLU B 437 8.00 -5.21 -6.52
N LEU B 438 8.14 -5.53 -7.80
CA LEU B 438 7.32 -6.55 -8.50
C LEU B 438 7.66 -7.95 -8.01
N THR B 439 8.79 -8.17 -7.34
CA THR B 439 9.19 -9.50 -6.80
C THR B 439 8.68 -9.68 -5.36
N LEU B 440 8.00 -8.70 -4.79
CA LEU B 440 7.56 -8.75 -3.38
C LEU B 440 6.09 -9.18 -3.29
N GLU B 441 5.73 -9.76 -2.15
CA GLU B 441 4.32 -9.97 -1.76
C GLU B 441 3.71 -8.64 -1.34
N ARG B 442 2.39 -8.57 -1.39
CA ARG B 442 1.64 -7.49 -0.73
C ARG B 442 1.80 -7.67 0.78
N PRO B 443 1.71 -6.59 1.58
CA PRO B 443 1.91 -6.68 3.02
C PRO B 443 0.86 -7.57 3.69
N ARG B 444 1.23 -8.20 4.81
CA ARG B 444 0.34 -9.11 5.58
C ARG B 444 -0.45 -8.35 6.65
N TRP B 445 -0.02 -7.13 6.99
CA TRP B 445 -0.68 -6.22 7.97
C TRP B 445 -0.31 -4.78 7.67
N LEU B 446 -1.14 -3.83 8.10
CA LEU B 446 -1.03 -2.39 7.75
C LEU B 446 -1.26 -1.56 9.00
N LEU B 447 -0.36 -0.63 9.27
CA LEU B 447 -0.43 0.36 10.39
C LEU B 447 -1.62 1.31 10.16
N LYS B 448 -2.12 1.90 11.25
CA LYS B 448 -3.08 3.02 11.13
C LYS B 448 -2.43 4.09 10.24
N ARG B 449 -3.26 4.77 9.47
CA ARG B 449 -2.86 5.80 8.47
C ARG B 449 -2.03 6.90 9.14
N LYS B 450 -2.35 7.29 10.37
CA LYS B 450 -1.78 8.50 11.02
C LYS B 450 -0.27 8.35 11.23
N TYR B 451 0.27 7.13 11.29
CA TYR B 451 1.70 6.90 11.63
C TYR B 451 2.61 7.32 10.47
N GLU B 452 2.12 7.34 9.24
CA GLU B 452 2.88 7.84 8.06
C GLU B 452 3.17 9.33 8.26
N LYS B 453 2.25 10.09 8.86
CA LYS B 453 2.44 11.53 9.18
C LYS B 453 3.55 11.65 10.24
N TYR B 454 3.46 10.87 11.31
CA TYR B 454 4.49 10.87 12.39
C TYR B 454 5.87 10.55 11.80
N ASP B 455 5.97 9.53 10.95
CA ASP B 455 7.28 9.07 10.39
C ASP B 455 7.90 10.19 9.54
N ILE B 456 7.11 10.83 8.70
CA ILE B 456 7.60 11.88 7.76
C ILE B 456 7.93 13.16 8.54
N ASP B 457 7.08 13.59 9.46
CA ASP B 457 7.29 14.81 10.27
C ASP B 457 8.59 14.67 11.07
N ARG B 458 8.83 13.51 11.67
CA ARG B 458 10.10 13.31 12.42
C ARG B 458 11.28 13.37 11.44
N MET B 459 11.19 12.73 10.27
CA MET B 459 12.26 12.81 9.26
C MET B 459 12.58 14.29 8.99
N ASP B 460 11.58 15.16 8.85
CA ASP B 460 11.81 16.59 8.53
C ASP B 460 12.43 17.32 9.72
N LYS B 461 12.17 16.85 10.94
CA LYS B 461 12.76 17.43 12.18
C LYS B 461 14.27 17.14 12.19
N TYR B 462 14.72 16.05 11.56
CA TYR B 462 16.13 15.60 11.55
C TYR B 462 16.67 15.53 10.12
N ARG B 463 16.29 16.49 9.29
CA ARG B 463 16.66 16.50 7.86
C ARG B 463 18.11 16.95 7.70
N LEU B 464 18.63 17.75 8.64
CA LEU B 464 20.04 18.23 8.64
C LEU B 464 20.95 17.14 9.21
N PRO B 465 22.27 17.19 8.94
CA PRO B 465 23.19 16.21 9.50
C PRO B 465 23.20 16.35 11.03
N ALA B 466 23.20 15.24 11.76
CA ALA B 466 23.50 15.24 13.22
C ALA B 466 25.00 15.44 13.42
N THR B 467 25.41 15.93 14.59
CA THR B 467 26.84 16.19 14.94
C THR B 467 27.12 15.70 16.36
N GLN B 468 28.33 15.19 16.57
CA GLN B 468 28.84 14.68 17.86
C GLN B 468 28.80 15.81 18.86
N PRO B 469 28.22 15.63 20.06
CA PRO B 469 28.29 16.68 21.10
C PRO B 469 29.68 16.83 21.77
#